data_3VXQ
#
_entry.id   3VXQ
#
_cell.length_a   42.421
_cell.length_b   159.171
_cell.length_c   68.346
_cell.angle_alpha   90.00
_cell.angle_beta   93.56
_cell.angle_gamma   90.00
#
_symmetry.space_group_name_H-M   'P 1 21 1'
#
loop_
_entity.id
_entity.type
_entity.pdbx_description
1 polymer 'H27-14 TCR alpha chain'
2 polymer 'H27-14 TCR beta chain'
3 water water
#
loop_
_entity_poly.entity_id
_entity_poly.type
_entity_poly.pdbx_seq_one_letter_code
_entity_poly.pdbx_strand_id
1 'polypeptide(L)'
;MKQEVTQIPAALSVPEGENLVLNCSFTDSAIYNLQWFRQDPGKGLTSLLLIQSSQREQTSGRLNASLDKSSGRSTLYIAA
SQPGDSATYLCAVRMDSSYKLIFGSGTRLLVRPDIQNPDPAVYQLRDSKSSDKSVCLFTDFDSQTNVSQSKDSDVYITDK
CVLDMRSMDFKSNSAVAWSNKSDFACANAFNNSIIPEDTFFPSPE
;
D,A
2 'polypeptide(L)'
;MDTGVSQNPRHKITKRGQNVTFRCDPISEHNRLYWYRQTLGQGPEFLTYFQNEAQLEKSRLLSDRFSAERPKGSFSTLEI
QRTEQGDSAMYLCASSSWDTGELFFGEGSRLTVLEDLKNVFPPEVAVFEPSEAEISHTQKATLVCLATGFYPDHVELSWW
VNGKEVHSGVCTDPQPLKEQPALNDSRYALSSRLRVSATFWQNPRNHFRCQVQFYGLSENDEWTQDRAKPVTQIVSAEAW
GRAD
;
E,B
#
# COMPACT_ATOMS: atom_id res chain seq x y z
N LYS A 2 38.35 4.53 -20.71
CA LYS A 2 38.03 3.76 -21.95
C LYS A 2 37.33 2.43 -21.66
N GLN A 3 37.76 1.72 -20.61
CA GLN A 3 37.20 0.42 -20.27
C GLN A 3 35.76 0.51 -19.76
N GLU A 4 34.90 -0.33 -20.33
CA GLU A 4 33.49 -0.43 -19.94
C GLU A 4 33.15 -1.88 -19.62
N VAL A 5 32.79 -2.13 -18.37
CA VAL A 5 32.46 -3.47 -17.90
C VAL A 5 30.94 -3.58 -17.74
N THR A 6 30.35 -4.57 -18.40
CA THR A 6 28.88 -4.74 -18.45
C THR A 6 28.48 -6.06 -17.80
N GLN A 7 27.44 -6.04 -16.99
CA GLN A 7 26.92 -7.28 -16.43
C GLN A 7 25.46 -7.48 -16.74
N ILE A 8 25.11 -8.66 -17.23
CA ILE A 8 23.72 -8.99 -17.45
C ILE A 8 23.48 -10.41 -16.96
N PRO A 9 22.27 -10.68 -16.42
CA PRO A 9 21.19 -9.71 -16.26
C PRO A 9 21.44 -8.80 -15.06
N ALA A 10 20.83 -7.61 -15.08
CA ALA A 10 20.93 -6.70 -13.93
C ALA A 10 20.37 -7.36 -12.68
N ALA A 11 19.33 -8.18 -12.85
CA ALA A 11 18.65 -8.84 -11.75
C ALA A 11 18.26 -10.26 -12.16
N LEU A 12 18.39 -11.20 -11.23
CA LEU A 12 18.07 -12.60 -11.50
C LEU A 12 17.34 -13.24 -10.33
N SER A 13 16.20 -13.86 -10.62
CA SER A 13 15.48 -14.64 -9.64
C SER A 13 15.38 -16.09 -10.13
N VAL A 14 15.74 -17.03 -9.27
CA VAL A 14 15.79 -18.45 -9.65
C VAL A 14 15.29 -19.37 -8.53
N PRO A 15 14.61 -20.47 -8.90
CA PRO A 15 14.25 -21.46 -7.88
C PRO A 15 15.48 -22.20 -7.34
N GLU A 16 15.51 -22.36 -6.02
CA GLU A 16 16.57 -23.11 -5.35
C GLU A 16 16.80 -24.46 -6.00
N GLY A 17 18.07 -24.81 -6.19
CA GLY A 17 18.41 -26.08 -6.79
C GLY A 17 18.83 -26.00 -8.24
N GLU A 18 18.43 -24.93 -8.94
CA GLU A 18 18.84 -24.73 -10.34
C GLU A 18 20.28 -24.24 -10.41
N ASN A 19 21.00 -24.69 -11.44
CA ASN A 19 22.25 -24.04 -11.81
C ASN A 19 21.91 -22.67 -12.39
N LEU A 20 22.89 -21.74 -12.37
CA LEU A 20 22.65 -20.37 -12.86
C LEU A 20 23.87 -19.82 -13.59
N VAL A 21 23.64 -18.81 -14.43
CA VAL A 21 24.68 -18.26 -15.29
C VAL A 21 24.72 -16.73 -15.16
N LEU A 22 25.90 -16.19 -14.84
CA LEU A 22 26.08 -14.75 -14.77
C LEU A 22 27.13 -14.30 -15.77
N ASN A 23 26.82 -13.23 -16.48
CA ASN A 23 27.64 -12.75 -17.59
C ASN A 23 28.33 -11.42 -17.29
N CYS A 24 29.55 -11.30 -17.80
CA CYS A 24 30.35 -10.09 -17.68
C CYS A 24 30.95 -9.83 -19.05
N SER A 25 30.92 -8.57 -19.49
CA SER A 25 31.52 -8.15 -20.75
C SER A 25 32.43 -6.98 -20.49
N PHE A 26 33.46 -6.83 -21.32
CA PHE A 26 34.35 -5.69 -21.23
C PHE A 26 34.88 -5.29 -22.62
N THR A 27 34.84 -3.99 -22.91
CA THR A 27 35.13 -3.48 -24.25
C THR A 27 36.62 -3.47 -24.61
N ASP A 28 37.49 -3.45 -23.60
CA ASP A 28 38.93 -3.42 -23.80
C ASP A 28 39.57 -4.73 -23.34
N SER A 29 40.05 -5.52 -24.31
CA SER A 29 40.60 -6.84 -24.04
C SER A 29 41.98 -6.84 -23.38
N ALA A 30 42.67 -5.69 -23.39
CA ALA A 30 44.02 -5.56 -22.81
C ALA A 30 44.03 -5.69 -21.27
N ILE A 31 43.43 -6.77 -20.77
CA ILE A 31 43.32 -6.97 -19.32
C ILE A 31 44.44 -7.84 -18.76
N TYR A 32 44.71 -7.63 -17.48
CA TYR A 32 45.72 -8.37 -16.73
C TYR A 32 45.07 -9.51 -15.94
N ASN A 33 43.96 -9.21 -15.27
CA ASN A 33 43.14 -10.26 -14.66
C ASN A 33 41.66 -9.84 -14.59
N LEU A 34 40.83 -10.78 -14.16
CA LEU A 34 39.42 -10.53 -13.90
C LEU A 34 39.11 -11.20 -12.56
N GLN A 35 38.30 -10.54 -11.75
CA GLN A 35 37.97 -11.04 -10.42
C GLN A 35 36.47 -10.93 -10.21
N TRP A 36 35.87 -11.99 -9.67
CA TRP A 36 34.46 -11.97 -9.29
C TRP A 36 34.36 -11.83 -7.79
N PHE A 37 33.40 -11.01 -7.35
CA PHE A 37 33.16 -10.75 -5.94
C PHE A 37 31.71 -11.03 -5.62
N ARG A 38 31.42 -11.27 -4.35
CA ARG A 38 30.06 -11.32 -3.86
C ARG A 38 29.89 -10.22 -2.81
N GLN A 39 28.76 -9.52 -2.85
CA GLN A 39 28.47 -8.45 -1.91
C GLN A 39 27.11 -8.65 -1.24
N ASP A 40 27.12 -8.71 0.08
CA ASP A 40 25.89 -8.61 0.85
C ASP A 40 25.67 -7.10 1.09
N PRO A 41 24.62 -6.53 0.46
CA PRO A 41 24.38 -5.09 0.34
C PRO A 41 24.46 -4.30 1.65
N GLY A 42 25.18 -3.17 1.59
CA GLY A 42 25.47 -2.37 2.78
C GLY A 42 26.66 -2.91 3.57
N LYS A 43 27.35 -3.89 2.98
CA LYS A 43 28.61 -4.41 3.49
C LYS A 43 29.66 -4.40 2.39
N GLY A 44 30.81 -5.01 2.68
CA GLY A 44 31.90 -5.09 1.73
C GLY A 44 31.80 -6.28 0.79
N LEU A 45 32.85 -6.44 -0.01
CA LEU A 45 32.90 -7.46 -1.03
C LEU A 45 33.81 -8.59 -0.57
N THR A 46 33.47 -9.81 -0.97
CA THR A 46 34.31 -10.98 -0.73
C THR A 46 34.76 -11.49 -2.09
N SER A 47 36.07 -11.65 -2.27
CA SER A 47 36.59 -12.23 -3.50
C SER A 47 36.15 -13.69 -3.65
N LEU A 48 35.68 -14.05 -4.84
CA LEU A 48 35.23 -15.41 -5.11
C LEU A 48 36.23 -16.16 -5.97
N LEU A 49 36.63 -15.56 -7.09
CA LEU A 49 37.51 -16.19 -8.06
C LEU A 49 38.38 -15.12 -8.67
N LEU A 50 39.61 -15.49 -9.04
CA LEU A 50 40.50 -14.61 -9.77
C LEU A 50 41.07 -15.38 -10.95
N ILE A 51 40.92 -14.84 -12.15
CA ILE A 51 41.40 -15.51 -13.34
C ILE A 51 42.43 -14.63 -14.03
N GLN A 52 43.63 -15.17 -14.20
CA GLN A 52 44.70 -14.46 -14.90
C GLN A 52 44.39 -14.37 -16.39
N SER A 53 44.87 -13.32 -17.04
CA SER A 53 44.59 -13.09 -18.46
C SER A 53 44.91 -14.30 -19.35
N SER A 54 45.93 -15.07 -18.98
CA SER A 54 46.33 -16.26 -19.73
C SER A 54 45.54 -17.51 -19.34
N GLN A 55 44.85 -17.46 -18.21
CA GLN A 55 44.04 -18.58 -17.75
C GLN A 55 42.67 -18.55 -18.43
N ARG A 56 42.05 -19.72 -18.53
CA ARG A 56 40.76 -19.87 -19.23
C ARG A 56 39.63 -20.15 -18.25
N GLU A 57 39.99 -20.66 -17.07
CA GLU A 57 39.04 -21.09 -16.07
C GLU A 57 39.57 -21.01 -14.63
N GLN A 58 38.64 -20.99 -13.68
CA GLN A 58 38.95 -21.13 -12.26
C GLN A 58 37.69 -21.62 -11.54
N THR A 59 37.86 -22.50 -10.56
CA THR A 59 36.70 -22.98 -9.80
C THR A 59 36.95 -22.96 -8.29
N SER A 60 35.87 -22.76 -7.54
CA SER A 60 35.92 -22.82 -6.08
C SER A 60 34.57 -23.31 -5.59
N GLY A 61 34.52 -24.55 -5.10
CA GLY A 61 33.28 -25.17 -4.65
C GLY A 61 32.24 -25.18 -5.75
N ARG A 62 31.04 -24.70 -5.42
CA ARG A 62 29.94 -24.65 -6.38
C ARG A 62 30.09 -23.55 -7.43
N LEU A 63 31.18 -22.77 -7.33
CA LEU A 63 31.45 -21.66 -8.26
C LEU A 63 32.50 -22.02 -9.32
N ASN A 64 32.18 -21.68 -10.56
CA ASN A 64 33.11 -21.86 -11.66
C ASN A 64 32.99 -20.69 -12.64
N ALA A 65 34.13 -20.16 -13.07
CA ALA A 65 34.13 -19.04 -14.00
C ALA A 65 35.06 -19.26 -15.18
N SER A 66 34.63 -18.83 -16.36
CA SER A 66 35.46 -18.85 -17.55
C SER A 66 35.88 -17.45 -17.95
N LEU A 67 37.01 -17.35 -18.64
CA LEU A 67 37.47 -16.09 -19.20
C LEU A 67 37.83 -16.27 -20.67
N ASP A 68 37.24 -15.45 -21.53
CA ASP A 68 37.65 -15.34 -22.92
C ASP A 68 38.08 -13.90 -23.16
N LYS A 69 39.36 -13.62 -22.87
CA LYS A 69 39.87 -12.25 -22.88
C LYS A 69 39.73 -11.57 -24.25
N SER A 70 39.98 -12.33 -25.31
CA SER A 70 39.88 -11.80 -26.68
C SER A 70 38.44 -11.46 -27.05
N SER A 71 37.49 -12.25 -26.57
CA SER A 71 36.07 -11.94 -26.81
C SER A 71 35.56 -10.84 -25.89
N GLY A 72 36.32 -10.51 -24.86
CA GLY A 72 35.92 -9.53 -23.85
C GLY A 72 34.75 -10.03 -23.01
N ARG A 73 34.80 -11.30 -22.63
CA ARG A 73 33.71 -11.94 -21.90
C ARG A 73 34.20 -12.80 -20.76
N SER A 74 33.41 -12.84 -19.70
CA SER A 74 33.60 -13.82 -18.63
C SER A 74 32.23 -14.32 -18.21
N THR A 75 32.15 -15.60 -17.84
CA THR A 75 30.90 -16.17 -17.35
C THR A 75 31.11 -16.82 -15.99
N LEU A 76 30.23 -16.51 -15.05
CA LEU A 76 30.23 -17.16 -13.75
C LEU A 76 29.08 -18.14 -13.63
N TYR A 77 29.43 -19.39 -13.33
CA TYR A 77 28.46 -20.48 -13.15
C TYR A 77 28.32 -20.81 -11.67
N ILE A 78 27.08 -20.88 -11.21
CA ILE A 78 26.79 -21.28 -9.84
C ILE A 78 25.90 -22.53 -9.85
N ALA A 79 26.45 -23.65 -9.38
CA ALA A 79 25.72 -24.92 -9.38
C ALA A 79 24.83 -25.08 -8.15
N ALA A 80 23.70 -25.76 -8.34
CA ALA A 80 22.78 -26.12 -7.27
C ALA A 80 22.52 -24.97 -6.29
N SER A 81 21.92 -23.89 -6.80
CA SER A 81 21.74 -22.66 -6.02
C SER A 81 21.01 -22.88 -4.69
N GLN A 82 21.47 -22.17 -3.66
CA GLN A 82 20.86 -22.17 -2.34
C GLN A 82 20.38 -20.76 -2.04
N PRO A 83 19.31 -20.60 -1.24
CA PRO A 83 18.86 -19.26 -0.85
C PRO A 83 19.95 -18.39 -0.22
N GLY A 84 20.94 -19.01 0.41
CA GLY A 84 22.13 -18.31 0.93
C GLY A 84 23.06 -17.72 -0.13
N ASP A 85 22.89 -18.14 -1.39
CA ASP A 85 23.62 -17.53 -2.50
C ASP A 85 23.06 -16.16 -2.88
N SER A 86 21.87 -15.83 -2.38
CA SER A 86 21.25 -14.53 -2.67
C SER A 86 22.21 -13.42 -2.26
N ALA A 87 22.59 -12.59 -3.24
CA ALA A 87 23.56 -11.52 -3.04
C ALA A 87 23.74 -10.75 -4.33
N THR A 88 24.60 -9.75 -4.30
CA THR A 88 25.03 -9.03 -5.48
C THR A 88 26.36 -9.59 -5.97
N TYR A 89 26.42 -9.96 -7.25
CA TYR A 89 27.63 -10.52 -7.84
C TYR A 89 28.26 -9.51 -8.78
N LEU A 90 29.51 -9.15 -8.50
CA LEU A 90 30.22 -8.10 -9.22
C LEU A 90 31.43 -8.67 -9.95
N CYS A 91 31.64 -8.17 -11.16
CA CYS A 91 32.77 -8.52 -11.99
C CYS A 91 33.69 -7.30 -12.11
N ALA A 92 35.00 -7.51 -12.05
CA ALA A 92 35.96 -6.42 -12.20
C ALA A 92 37.18 -6.87 -13.01
N VAL A 93 37.76 -5.96 -13.78
CA VAL A 93 39.01 -6.24 -14.49
C VAL A 93 40.10 -5.29 -14.04
N ARG A 94 41.33 -5.80 -14.02
CA ARG A 94 42.50 -4.96 -13.87
C ARG A 94 43.18 -4.92 -15.23
N MET A 95 43.53 -3.72 -15.67
CA MET A 95 44.15 -3.48 -16.98
C MET A 95 45.66 -3.64 -16.94
N ASP A 96 46.25 -4.02 -18.09
CA ASP A 96 47.70 -3.95 -18.27
C ASP A 96 48.16 -2.52 -18.00
N SER A 97 49.22 -2.39 -17.18
CA SER A 97 49.77 -1.08 -16.78
C SER A 97 48.76 -0.09 -16.19
N SER A 98 47.91 -0.61 -15.30
CA SER A 98 47.12 0.19 -14.36
C SER A 98 46.85 -0.71 -13.16
N TYR A 99 46.85 -0.13 -11.97
CA TYR A 99 46.72 -0.91 -10.74
C TYR A 99 45.27 -1.11 -10.31
N LYS A 100 44.41 -0.18 -10.73
CA LYS A 100 43.01 -0.17 -10.30
C LYS A 100 42.15 -1.28 -10.92
N LEU A 101 41.09 -1.65 -10.19
CA LEU A 101 40.06 -2.52 -10.75
C LEU A 101 38.91 -1.68 -11.26
N ILE A 102 38.42 -2.02 -12.45
CA ILE A 102 37.24 -1.37 -13.00
C ILE A 102 36.07 -2.35 -12.83
N PHE A 103 35.05 -1.94 -12.08
CA PHE A 103 33.92 -2.81 -11.73
C PHE A 103 32.73 -2.63 -12.67
N GLY A 104 32.02 -3.73 -12.91
CA GLY A 104 30.66 -3.67 -13.46
C GLY A 104 29.65 -3.28 -12.40
N SER A 105 28.40 -3.14 -12.81
CA SER A 105 27.33 -2.62 -11.94
C SER A 105 26.68 -3.69 -11.06
N GLY A 106 26.97 -4.94 -11.37
CA GLY A 106 26.52 -6.06 -10.54
C GLY A 106 25.24 -6.73 -11.02
N THR A 107 25.08 -7.98 -10.61
CA THR A 107 23.85 -8.72 -10.82
C THR A 107 23.25 -8.97 -9.45
N ARG A 108 22.00 -8.56 -9.27
CA ARG A 108 21.29 -8.78 -8.01
C ARG A 108 20.61 -10.14 -8.10
N LEU A 109 21.15 -11.13 -7.40
CA LEU A 109 20.63 -12.51 -7.48
C LEU A 109 19.76 -12.88 -6.30
N LEU A 110 18.57 -13.40 -6.58
CA LEU A 110 17.77 -13.99 -5.52
C LEU A 110 17.41 -15.44 -5.85
N VAL A 111 17.73 -16.33 -4.92
CA VAL A 111 17.41 -17.73 -5.04
C VAL A 111 16.21 -18.02 -4.13
N ARG A 112 15.08 -18.32 -4.75
CA ARG A 112 13.82 -18.50 -4.05
C ARG A 112 13.79 -19.88 -3.43
N PRO A 113 13.26 -19.99 -2.19
CA PRO A 113 13.23 -21.30 -1.54
C PRO A 113 12.23 -22.23 -2.19
N ASP A 114 12.51 -23.52 -2.13
CA ASP A 114 11.56 -24.54 -2.55
C ASP A 114 10.67 -24.87 -1.36
N ILE A 115 9.41 -24.44 -1.42
CA ILE A 115 8.47 -24.63 -0.32
C ILE A 115 7.82 -26.02 -0.42
N GLN A 116 8.16 -26.91 0.50
CA GLN A 116 7.72 -28.32 0.46
C GLN A 116 6.21 -28.49 0.61
N ASN A 117 5.64 -27.83 1.62
CA ASN A 117 4.22 -27.97 1.96
C ASN A 117 3.54 -26.62 2.15
N PRO A 118 3.14 -25.97 1.04
CA PRO A 118 2.59 -24.61 1.16
C PRO A 118 1.28 -24.59 1.94
N ASP A 119 1.10 -23.58 2.77
CA ASP A 119 -0.08 -23.43 3.61
C ASP A 119 -0.47 -21.96 3.71
N PRO A 120 -0.78 -21.33 2.55
CA PRO A 120 -0.91 -19.87 2.52
C PRO A 120 -2.00 -19.37 3.45
N ALA A 121 -1.70 -18.30 4.18
CA ALA A 121 -2.64 -17.74 5.13
C ALA A 121 -2.31 -16.29 5.46
N VAL A 122 -3.33 -15.57 5.94
CA VAL A 122 -3.19 -14.20 6.40
C VAL A 122 -3.64 -14.12 7.86
N TYR A 123 -2.70 -13.78 8.75
CA TYR A 123 -2.98 -13.69 10.19
C TYR A 123 -2.90 -12.24 10.68
N GLN A 124 -3.68 -11.93 11.70
CA GLN A 124 -3.59 -10.62 12.36
C GLN A 124 -2.76 -10.75 13.63
N LEU A 125 -1.80 -9.86 13.82
CA LEU A 125 -0.93 -9.90 14.98
C LEU A 125 -1.04 -8.61 15.76
N ARG A 126 -1.23 -8.71 17.06
CA ARG A 126 -1.39 -7.52 17.90
C ARG A 126 -0.13 -7.14 18.65
N ASP A 127 0.03 -5.84 18.88
CA ASP A 127 1.16 -5.27 19.59
C ASP A 127 1.30 -5.88 20.98
N SER A 128 2.55 -6.22 21.31
CA SER A 128 2.92 -6.72 22.62
C SER A 128 2.78 -5.63 23.67
N LYS A 129 3.04 -4.38 23.26
CA LYS A 129 2.85 -3.22 24.12
C LYS A 129 1.38 -2.82 24.07
N SER A 130 0.86 -2.34 25.19
CA SER A 130 -0.52 -1.90 25.26
C SER A 130 -0.80 -0.79 24.24
N SER A 131 -1.57 -1.14 23.20
CA SER A 131 -1.95 -0.18 22.15
C SER A 131 -3.05 -0.76 21.25
N ASP A 132 -3.46 0.06 20.27
CA ASP A 132 -4.48 -0.32 19.30
C ASP A 132 -3.87 -0.91 18.03
N LYS A 133 -2.55 -1.04 18.03
CA LYS A 133 -1.81 -1.39 16.82
C LYS A 133 -1.79 -2.88 16.52
N SER A 134 -1.84 -3.20 15.23
CA SER A 134 -1.65 -4.56 14.77
C SER A 134 -1.07 -4.54 13.35
N VAL A 135 -0.61 -5.70 12.89
CA VAL A 135 -0.13 -5.90 11.52
C VAL A 135 -0.77 -7.15 10.93
N CYS A 136 -0.71 -7.27 9.60
CA CYS A 136 -1.19 -8.46 8.90
C CYS A 136 -0.02 -9.21 8.30
N LEU A 137 0.02 -10.51 8.58
CA LEU A 137 1.09 -11.38 8.07
C LEU A 137 0.54 -12.36 7.03
N PHE A 138 1.02 -12.20 5.79
CA PHE A 138 0.76 -13.19 4.72
C PHE A 138 1.94 -14.15 4.76
N THR A 139 1.67 -15.43 5.00
CA THR A 139 2.75 -16.39 5.20
C THR A 139 2.49 -17.78 4.60
N ASP A 140 3.56 -18.54 4.39
CA ASP A 140 3.47 -19.96 4.00
C ASP A 140 3.00 -20.21 2.56
N PHE A 141 3.08 -19.16 1.73
CA PHE A 141 2.81 -19.29 0.31
C PHE A 141 4.03 -19.84 -0.43
N ASP A 142 3.83 -20.50 -1.57
CA ASP A 142 4.97 -21.00 -2.35
C ASP A 142 5.69 -19.86 -3.06
N SER A 143 6.89 -20.12 -3.56
CA SER A 143 7.75 -19.06 -4.09
C SER A 143 7.30 -18.49 -5.43
N GLN A 144 6.35 -19.15 -6.09
CA GLN A 144 5.70 -18.60 -7.28
C GLN A 144 4.81 -17.40 -6.97
N THR A 145 4.32 -17.33 -5.72
CA THR A 145 3.47 -16.21 -5.32
C THR A 145 4.29 -14.93 -5.17
N ASN A 146 3.80 -13.85 -5.75
CA ASN A 146 4.41 -12.53 -5.60
C ASN A 146 3.49 -11.63 -4.81
N VAL A 147 4.07 -10.73 -4.01
CA VAL A 147 3.28 -9.85 -3.17
C VAL A 147 3.29 -8.45 -3.76
N SER A 148 2.12 -7.99 -4.15
CA SER A 148 2.03 -6.68 -4.80
C SER A 148 1.80 -5.54 -3.81
N GLN A 149 2.08 -4.32 -4.25
CA GLN A 149 1.80 -3.13 -3.47
C GLN A 149 0.30 -2.87 -3.46
N SER A 150 -0.16 -2.08 -2.50
CA SER A 150 -1.59 -1.81 -2.35
C SER A 150 -2.09 -0.75 -3.32
N LYS A 151 -3.38 -0.83 -3.67
CA LYS A 151 -4.07 0.21 -4.41
C LYS A 151 -4.14 1.49 -3.57
N ASP A 152 -4.14 1.33 -2.25
CA ASP A 152 -4.21 2.45 -1.31
C ASP A 152 -2.83 2.80 -0.76
N SER A 153 -2.48 4.09 -0.87
CA SER A 153 -1.18 4.59 -0.44
C SER A 153 -1.01 4.74 1.08
N ASP A 154 -2.12 4.67 1.81
CA ASP A 154 -2.10 4.65 3.28
C ASP A 154 -1.84 3.24 3.82
N VAL A 155 -1.68 2.29 2.91
CA VAL A 155 -1.45 0.90 3.29
C VAL A 155 -0.02 0.55 2.91
N TYR A 156 0.72 0.03 3.88
CA TYR A 156 2.12 -0.34 3.67
C TYR A 156 2.26 -1.84 3.54
N ILE A 157 2.89 -2.29 2.46
CA ILE A 157 3.09 -3.71 2.26
C ILE A 157 4.55 -3.97 1.91
N THR A 158 5.17 -4.87 2.65
CA THR A 158 6.57 -5.23 2.42
C THR A 158 6.70 -6.20 1.26
N ASP A 159 7.91 -6.32 0.73
CA ASP A 159 8.19 -7.37 -0.24
C ASP A 159 8.28 -8.70 0.52
N LYS A 160 8.26 -9.80 -0.23
CA LYS A 160 8.38 -11.11 0.37
C LYS A 160 9.80 -11.38 0.86
N CYS A 161 9.91 -12.35 1.76
CA CYS A 161 11.03 -12.53 2.65
C CYS A 161 11.08 -14.01 2.99
N VAL A 162 12.24 -14.67 2.86
CA VAL A 162 12.35 -16.08 3.27
C VAL A 162 13.05 -16.25 4.63
N LEU A 163 12.42 -17.00 5.52
CA LEU A 163 13.10 -17.40 6.77
C LEU A 163 13.35 -18.90 6.78
N ASP A 164 14.38 -19.32 7.50
CA ASP A 164 14.82 -20.71 7.53
C ASP A 164 14.86 -21.24 8.96
N MET A 165 13.90 -22.09 9.29
CA MET A 165 13.92 -22.77 10.59
C MET A 165 14.82 -23.99 10.47
N ARG A 166 16.13 -23.73 10.56
CA ARG A 166 17.18 -24.64 10.14
C ARG A 166 17.11 -26.04 10.76
N SER A 167 16.91 -26.10 12.08
CA SER A 167 16.81 -27.39 12.78
C SER A 167 15.60 -28.22 12.33
N MET A 168 14.56 -27.53 11.87
CA MET A 168 13.34 -28.19 11.41
C MET A 168 13.37 -28.55 9.92
N ASP A 169 14.43 -28.12 9.23
CA ASP A 169 14.53 -28.23 7.77
C ASP A 169 13.27 -27.63 7.11
N PHE A 170 12.95 -26.41 7.53
CA PHE A 170 11.71 -25.76 7.15
C PHE A 170 11.96 -24.31 6.77
N LYS A 171 11.55 -23.95 5.57
CA LYS A 171 11.61 -22.58 5.11
C LYS A 171 10.20 -22.07 4.86
N SER A 172 10.00 -20.77 5.05
CA SER A 172 8.71 -20.17 4.77
C SER A 172 8.85 -18.73 4.31
N ASN A 173 7.99 -18.36 3.37
CA ASN A 173 7.90 -17.01 2.85
C ASN A 173 6.92 -16.20 3.67
N SER A 174 7.13 -14.90 3.75
CA SER A 174 6.12 -14.01 4.34
C SER A 174 6.25 -12.59 3.82
N ALA A 175 5.18 -11.83 4.03
CA ALA A 175 5.16 -10.40 3.79
C ALA A 175 4.27 -9.78 4.86
N VAL A 176 4.48 -8.51 5.17
CA VAL A 176 3.75 -7.84 6.22
C VAL A 176 3.01 -6.64 5.65
N ALA A 177 1.79 -6.42 6.12
CA ALA A 177 1.03 -5.24 5.74
C ALA A 177 0.52 -4.54 6.99
N TRP A 178 0.51 -3.21 6.96
CA TRP A 178 -0.12 -2.44 8.03
C TRP A 178 -0.65 -1.12 7.54
N SER A 179 -1.52 -0.51 8.35
CA SER A 179 -2.10 0.79 8.03
C SER A 179 -2.76 1.44 9.23
N ASN A 180 -2.68 2.77 9.29
CA ASN A 180 -3.38 3.56 10.32
C ASN A 180 -4.86 3.82 10.01
N LYS A 181 -5.31 3.47 8.80
CA LYS A 181 -6.67 3.81 8.39
C LYS A 181 -7.74 2.90 9.02
N SER A 182 -8.93 3.47 9.20
CA SER A 182 -10.03 2.85 9.94
C SER A 182 -10.53 1.53 9.35
N ASP A 183 -10.77 1.53 8.04
CA ASP A 183 -11.35 0.39 7.34
C ASP A 183 -10.33 -0.67 6.91
N PHE A 184 -9.14 -0.63 7.51
CA PHE A 184 -8.10 -1.59 7.18
C PHE A 184 -8.32 -2.91 7.92
N ALA A 185 -8.31 -4.01 7.17
CA ALA A 185 -8.43 -5.33 7.79
C ALA A 185 -7.58 -6.34 7.04
N CYS A 186 -7.09 -7.34 7.76
CA CYS A 186 -6.21 -8.34 7.17
C CYS A 186 -6.91 -9.13 6.07
N ALA A 187 -8.23 -9.21 6.12
CA ALA A 187 -9.03 -9.84 5.06
C ALA A 187 -8.93 -9.11 3.72
N ASN A 188 -8.66 -7.80 3.75
CA ASN A 188 -8.51 -7.00 2.53
C ASN A 188 -7.10 -6.47 2.24
N ALA A 189 -6.19 -6.69 3.18
CA ALA A 189 -4.85 -6.09 3.12
C ALA A 189 -4.11 -6.45 1.85
N PHE A 190 -4.16 -7.72 1.46
CA PHE A 190 -3.43 -8.20 0.29
C PHE A 190 -4.35 -8.38 -0.92
N ASN A 191 -5.43 -7.59 -0.99
CA ASN A 191 -6.45 -7.78 -2.04
C ASN A 191 -5.93 -7.57 -3.47
N ASN A 192 -4.91 -6.73 -3.61
CA ASN A 192 -4.36 -6.45 -4.94
C ASN A 192 -3.31 -7.46 -5.43
N SER A 193 -2.91 -8.39 -4.57
CA SER A 193 -1.99 -9.45 -4.98
C SER A 193 -2.72 -10.62 -5.59
N ILE A 194 -2.04 -11.32 -6.50
CA ILE A 194 -2.53 -12.60 -6.98
C ILE A 194 -2.10 -13.63 -5.95
N ILE A 195 -3.05 -14.05 -5.12
CA ILE A 195 -2.76 -14.98 -4.03
C ILE A 195 -3.47 -16.30 -4.33
N PRO A 196 -3.00 -17.42 -3.73
CA PRO A 196 -3.68 -18.68 -3.94
C PRO A 196 -5.15 -18.60 -3.55
N GLU A 197 -6.01 -19.30 -4.29
CA GLU A 197 -7.44 -19.31 -4.04
C GLU A 197 -7.79 -19.93 -2.70
N ASP A 198 -6.96 -20.87 -2.27
CA ASP A 198 -7.16 -21.58 -1.01
C ASP A 198 -6.51 -20.89 0.20
N THR A 199 -6.09 -19.63 0.04
CA THR A 199 -5.47 -18.89 1.15
C THR A 199 -6.42 -18.89 2.36
N PHE A 200 -5.88 -19.28 3.51
CA PHE A 200 -6.63 -19.37 4.76
C PHE A 200 -6.81 -18.01 5.44
N PHE A 201 -8.06 -17.63 5.66
CA PHE A 201 -8.43 -16.44 6.42
C PHE A 201 -9.17 -16.83 7.69
N PRO A 202 -8.46 -16.80 8.84
CA PRO A 202 -9.01 -17.24 10.14
C PRO A 202 -10.10 -16.36 10.74
N SER A 203 -10.98 -17.00 11.50
CA SER A 203 -12.11 -16.35 12.17
C SER A 203 -11.69 -15.63 13.48
N PRO A 204 -12.67 -15.08 14.23
CA PRO A 204 -12.43 -14.40 15.51
C PRO A 204 -11.41 -15.07 16.43
N GLU A 205 -10.62 -14.24 17.11
CA GLU A 205 -9.52 -14.67 17.97
C GLU A 205 -9.98 -15.01 19.39
N THR B 3 43.45 -10.22 10.66
CA THR B 3 42.91 -11.25 9.70
C THR B 3 42.05 -10.62 8.60
N GLY B 4 41.29 -9.58 8.94
CA GLY B 4 40.46 -8.87 7.96
C GLY B 4 40.79 -7.39 7.83
N VAL B 5 40.23 -6.74 6.82
CA VAL B 5 40.37 -5.29 6.64
C VAL B 5 39.40 -4.57 7.56
N SER B 6 39.91 -3.58 8.30
CA SER B 6 39.12 -2.84 9.29
C SER B 6 38.95 -1.38 8.91
N GLN B 7 37.73 -0.87 9.08
CA GLN B 7 37.44 0.55 8.84
C GLN B 7 36.72 1.19 10.03
N ASN B 8 37.15 2.39 10.39
CA ASN B 8 36.54 3.20 11.45
C ASN B 8 36.24 4.56 10.84
N PRO B 9 34.97 5.03 10.89
CA PRO B 9 33.75 4.48 11.48
C PRO B 9 32.87 3.72 10.49
N ARG B 10 31.87 3.02 11.00
CA ARG B 10 30.91 2.30 10.17
C ARG B 10 29.98 3.26 9.43
N HIS B 11 29.55 4.31 10.12
CA HIS B 11 28.65 5.32 9.55
C HIS B 11 29.10 6.70 9.92
N LYS B 12 28.68 7.70 9.14
CA LYS B 12 28.82 9.10 9.51
C LYS B 12 27.77 9.95 8.81
N ILE B 13 26.90 10.59 9.58
CA ILE B 13 26.00 11.61 9.03
C ILE B 13 26.68 12.96 9.17
N THR B 14 26.54 13.78 8.14
CA THR B 14 27.21 15.06 8.09
C THR B 14 26.27 16.07 7.43
N LYS B 15 26.39 17.32 7.85
CA LYS B 15 25.71 18.43 7.19
C LYS B 15 26.67 18.99 6.15
N ARG B 16 26.12 19.55 5.07
CA ARG B 16 26.93 20.16 4.00
C ARG B 16 28.00 21.07 4.57
N GLY B 17 29.18 21.06 3.97
CA GLY B 17 30.25 21.96 4.37
C GLY B 17 31.20 21.42 5.43
N GLN B 18 30.79 20.38 6.13
CA GLN B 18 31.63 19.79 7.19
C GLN B 18 32.73 18.88 6.63
N ASN B 19 33.82 18.75 7.37
CA ASN B 19 34.93 17.86 6.99
C ASN B 19 34.77 16.49 7.63
N VAL B 20 35.11 15.43 6.88
CA VAL B 20 35.02 14.05 7.40
C VAL B 20 36.30 13.23 7.15
N THR B 21 36.68 12.41 8.14
CA THR B 21 37.88 11.57 8.08
C THR B 21 37.57 10.11 8.38
N PHE B 22 37.91 9.24 7.42
CA PHE B 22 37.75 7.79 7.60
C PHE B 22 39.13 7.14 7.72
N ARG B 23 39.21 6.08 8.53
CA ARG B 23 40.46 5.33 8.70
C ARG B 23 40.30 3.88 8.23
N CYS B 24 41.33 3.36 7.55
CA CYS B 24 41.36 1.99 7.06
C CYS B 24 42.63 1.29 7.50
N ASP B 25 42.48 0.06 7.98
CA ASP B 25 43.60 -0.77 8.41
C ASP B 25 43.59 -2.03 7.54
N PRO B 26 44.66 -2.22 6.72
CA PRO B 26 44.69 -3.35 5.79
C PRO B 26 44.95 -4.66 6.52
N ILE B 27 44.93 -5.77 5.78
CA ILE B 27 45.40 -7.02 6.33
C ILE B 27 46.89 -6.86 6.60
N SER B 28 47.33 -7.36 7.76
CA SER B 28 48.72 -7.22 8.23
C SER B 28 49.72 -7.37 7.09
N GLU B 29 50.51 -6.31 6.88
CA GLU B 29 51.66 -6.31 5.97
C GLU B 29 51.34 -6.17 4.46
N HIS B 30 50.05 -6.11 4.10
CA HIS B 30 49.66 -5.90 2.70
C HIS B 30 50.19 -4.60 2.19
N ASN B 31 50.93 -4.65 1.09
CA ASN B 31 51.63 -3.47 0.57
C ASN B 31 50.74 -2.58 -0.29
N ARG B 32 49.66 -3.14 -0.81
CA ARG B 32 48.76 -2.40 -1.69
C ARG B 32 47.43 -2.11 -1.01
N LEU B 33 46.98 -0.86 -1.09
CA LEU B 33 45.73 -0.42 -0.46
C LEU B 33 44.92 0.45 -1.43
N TYR B 34 43.61 0.22 -1.48
CA TYR B 34 42.71 0.92 -2.41
C TYR B 34 41.53 1.59 -1.70
N TRP B 35 41.13 2.75 -2.19
CA TRP B 35 39.89 3.40 -1.80
C TRP B 35 38.94 3.38 -2.95
N TYR B 36 37.71 2.95 -2.68
CA TYR B 36 36.59 2.97 -3.62
C TYR B 36 35.37 3.57 -2.91
N ARG B 37 34.37 3.96 -3.69
CA ARG B 37 33.05 4.30 -3.15
C ARG B 37 31.96 3.71 -4.03
N GLN B 38 30.77 3.51 -3.46
CA GLN B 38 29.68 2.84 -4.17
C GLN B 38 28.32 3.40 -3.76
N THR B 39 27.45 3.63 -4.73
CA THR B 39 26.07 4.02 -4.46
C THR B 39 25.12 2.85 -4.69
N LEU B 40 23.94 2.92 -4.09
CA LEU B 40 23.00 1.80 -4.09
C LEU B 40 22.59 1.41 -5.50
N GLY B 41 22.55 0.11 -5.77
CA GLY B 41 22.14 -0.40 -7.07
C GLY B 41 23.21 -0.36 -8.13
N GLN B 42 24.37 0.22 -7.80
CA GLN B 42 25.49 0.32 -8.75
C GLN B 42 26.72 -0.45 -8.29
N GLY B 43 27.81 -0.34 -9.04
CA GLY B 43 29.08 -0.97 -8.70
C GLY B 43 30.10 0.02 -8.16
N PRO B 44 31.16 -0.47 -7.49
CA PRO B 44 32.22 0.37 -6.92
C PRO B 44 32.96 1.21 -7.96
N GLU B 45 33.28 2.45 -7.61
CA GLU B 45 34.07 3.35 -8.48
C GLU B 45 35.38 3.71 -7.80
N PHE B 46 36.48 3.62 -8.57
CA PHE B 46 37.83 3.78 -8.03
C PHE B 46 38.09 5.17 -7.44
N LEU B 47 38.75 5.22 -6.28
CA LEU B 47 39.21 6.50 -5.75
C LEU B 47 40.72 6.65 -5.83
N THR B 48 41.46 5.87 -5.02
CA THR B 48 42.92 5.99 -4.98
C THR B 48 43.63 4.66 -4.67
N TYR B 49 44.92 4.62 -5.01
CA TYR B 49 45.76 3.45 -4.83
C TYR B 49 47.08 3.81 -4.16
N PHE B 50 47.47 3.01 -3.17
CA PHE B 50 48.76 3.17 -2.49
C PHE B 50 49.60 1.90 -2.65
N GLN B 51 50.86 2.08 -3.02
CA GLN B 51 51.85 1.03 -2.93
C GLN B 51 52.78 1.46 -1.82
N ASN B 52 52.82 0.70 -0.73
CA ASN B 52 53.38 1.16 0.55
C ASN B 52 52.85 2.56 0.87
N GLU B 53 53.75 3.50 1.15
CA GLU B 53 53.37 4.88 1.50
C GLU B 53 52.98 5.77 0.31
N ALA B 54 53.46 5.44 -0.89
CA ALA B 54 53.27 6.32 -2.04
C ALA B 54 51.92 6.15 -2.72
N GLN B 55 51.28 7.28 -3.05
CA GLN B 55 49.99 7.28 -3.73
C GLN B 55 50.18 7.28 -5.24
N LEU B 56 50.15 6.09 -5.84
CA LEU B 56 50.53 5.91 -7.25
C LEU B 56 49.47 6.25 -8.28
N GLU B 57 48.19 6.09 -7.94
CA GLU B 57 47.11 6.37 -8.88
C GLU B 57 45.86 6.92 -8.18
N LYS B 58 45.26 7.92 -8.80
CA LYS B 58 44.12 8.65 -8.24
C LYS B 58 43.14 8.98 -9.35
N SER B 59 41.85 8.74 -9.11
CA SER B 59 40.81 9.04 -10.10
C SER B 59 40.98 10.47 -10.57
N ARG B 60 41.13 10.64 -11.89
CA ARG B 60 41.33 11.96 -12.47
C ARG B 60 40.17 12.92 -12.16
N LEU B 61 38.95 12.39 -12.11
CA LEU B 61 37.75 13.21 -11.90
C LEU B 61 37.46 13.56 -10.44
N LEU B 62 38.09 12.84 -9.51
CA LEU B 62 37.80 13.04 -8.09
C LEU B 62 38.26 14.42 -7.61
N SER B 63 37.40 15.08 -6.84
CA SER B 63 37.68 16.41 -6.29
C SER B 63 38.95 16.50 -5.46
N ASP B 64 39.61 17.65 -5.54
CA ASP B 64 40.76 17.95 -4.67
C ASP B 64 40.38 18.01 -3.19
N ARG B 65 39.08 18.13 -2.92
CA ARG B 65 38.55 18.05 -1.55
C ARG B 65 38.81 16.69 -0.92
N PHE B 66 39.02 15.68 -1.77
CA PHE B 66 39.32 14.33 -1.32
C PHE B 66 40.83 14.16 -1.21
N SER B 67 41.31 13.76 -0.03
CA SER B 67 42.72 13.42 0.12
C SER B 67 42.91 12.17 0.98
N ALA B 68 43.90 11.37 0.60
CA ALA B 68 44.21 10.14 1.31
C ALA B 68 45.69 10.11 1.66
N GLU B 69 46.01 9.51 2.79
CA GLU B 69 47.41 9.31 3.15
C GLU B 69 47.64 7.99 3.89
N ARG B 70 48.86 7.47 3.75
CA ARG B 70 49.23 6.20 4.31
C ARG B 70 50.65 6.32 4.85
N PRO B 71 50.82 7.13 5.92
CA PRO B 71 52.12 7.65 6.36
C PRO B 71 53.24 6.62 6.45
N LYS B 72 52.98 5.51 7.13
CA LYS B 72 53.97 4.48 7.39
C LYS B 72 53.69 3.23 6.57
N GLY B 73 52.97 3.40 5.46
CA GLY B 73 52.30 2.26 4.84
C GLY B 73 51.19 1.89 5.81
N SER B 74 50.95 0.59 5.99
CA SER B 74 49.92 0.10 6.91
C SER B 74 48.59 0.87 6.77
N PHE B 75 48.11 1.44 7.86
CA PHE B 75 46.84 2.18 7.88
C PHE B 75 46.84 3.40 6.96
N SER B 76 45.65 3.80 6.54
CA SER B 76 45.46 4.95 5.66
C SER B 76 44.23 5.71 6.10
N THR B 77 44.26 7.02 5.96
CA THR B 77 43.07 7.84 6.17
C THR B 77 42.59 8.47 4.87
N LEU B 78 41.27 8.63 4.76
CA LEU B 78 40.66 9.36 3.65
C LEU B 78 39.89 10.53 4.24
N GLU B 79 40.29 11.73 3.84
CA GLU B 79 39.68 12.96 4.32
C GLU B 79 38.87 13.60 3.20
N ILE B 80 37.64 13.99 3.52
CA ILE B 80 36.84 14.80 2.62
C ILE B 80 36.59 16.15 3.28
N GLN B 81 37.03 17.21 2.62
CA GLN B 81 36.81 18.57 3.10
C GLN B 81 35.54 19.15 2.50
N ARG B 82 34.88 20.03 3.27
CA ARG B 82 33.62 20.67 2.86
C ARG B 82 32.70 19.73 2.08
N THR B 83 32.18 18.72 2.78
CA THR B 83 31.33 17.69 2.19
C THR B 83 30.12 18.26 1.47
N GLU B 84 29.76 17.62 0.37
CA GLU B 84 28.59 17.98 -0.41
C GLU B 84 27.68 16.77 -0.44
N GLN B 85 26.40 16.98 -0.76
CA GLN B 85 25.42 15.89 -0.80
C GLN B 85 25.84 14.79 -1.76
N GLY B 86 26.45 15.20 -2.88
CA GLY B 86 26.96 14.26 -3.88
C GLY B 86 28.07 13.34 -3.39
N ASP B 87 28.65 13.66 -2.23
CA ASP B 87 29.68 12.80 -1.63
C ASP B 87 29.09 11.55 -0.96
N SER B 88 27.75 11.47 -0.90
CA SER B 88 27.05 10.42 -0.16
C SER B 88 27.20 9.05 -0.81
N ALA B 89 27.86 8.15 -0.09
CA ALA B 89 28.16 6.83 -0.62
C ALA B 89 28.71 5.94 0.47
N MET B 90 28.80 4.65 0.16
CA MET B 90 29.60 3.74 0.95
C MET B 90 31.04 3.92 0.49
N TYR B 91 31.94 4.16 1.45
CA TYR B 91 33.36 4.29 1.17
C TYR B 91 34.08 3.01 1.55
N LEU B 92 34.56 2.34 0.52
CA LEU B 92 35.13 1.02 0.65
C LEU B 92 36.65 1.09 0.60
N CYS B 93 37.28 0.34 1.49
CA CYS B 93 38.71 0.20 1.47
C CYS B 93 39.09 -1.24 1.19
N ALA B 94 40.10 -1.43 0.34
CA ALA B 94 40.56 -2.77 -0.01
C ALA B 94 42.08 -2.86 0.11
N SER B 95 42.58 -4.05 0.43
CA SER B 95 44.02 -4.27 0.38
C SER B 95 44.39 -5.55 -0.35
N SER B 96 45.61 -5.57 -0.88
CA SER B 96 46.14 -6.73 -1.60
C SER B 96 47.62 -6.93 -1.25
N SER B 97 48.06 -8.18 -1.26
CA SER B 97 49.48 -8.49 -1.05
C SER B 97 50.24 -8.31 -2.36
N TRP B 98 51.56 -8.12 -2.26
CA TRP B 98 52.39 -7.90 -3.45
C TRP B 98 52.37 -9.10 -4.38
N ASP B 99 52.24 -10.29 -3.81
CA ASP B 99 52.38 -11.55 -4.55
C ASP B 99 51.12 -12.06 -5.26
N THR B 100 49.94 -11.70 -4.78
CA THR B 100 48.69 -12.14 -5.43
C THR B 100 47.75 -10.99 -5.74
N GLY B 101 46.93 -11.15 -6.76
CA GLY B 101 46.02 -10.10 -7.21
C GLY B 101 44.73 -9.96 -6.41
N GLU B 102 44.50 -10.86 -5.45
CA GLU B 102 43.25 -10.92 -4.71
C GLU B 102 43.04 -9.67 -3.84
N LEU B 103 41.92 -9.00 -4.03
CA LEU B 103 41.57 -7.86 -3.20
C LEU B 103 40.68 -8.27 -2.03
N PHE B 104 41.00 -7.73 -0.86
CA PHE B 104 40.27 -7.99 0.37
C PHE B 104 39.63 -6.68 0.78
N PHE B 105 38.31 -6.69 1.00
CA PHE B 105 37.58 -5.47 1.26
C PHE B 105 37.17 -5.29 2.71
N GLY B 106 37.11 -4.04 3.15
CA GLY B 106 36.57 -3.70 4.46
C GLY B 106 35.06 -3.66 4.39
N GLU B 107 34.42 -3.51 5.55
CA GLU B 107 32.95 -3.53 5.61
C GLU B 107 32.34 -2.19 5.19
N GLY B 108 33.19 -1.18 5.03
CA GLY B 108 32.78 0.09 4.46
C GLY B 108 32.44 1.14 5.49
N SER B 109 32.51 2.40 5.06
CA SER B 109 32.10 3.55 5.85
C SER B 109 31.01 4.27 5.08
N ARG B 110 29.81 4.29 5.66
CA ARG B 110 28.65 4.83 4.98
C ARG B 110 28.53 6.31 5.29
N LEU B 111 28.67 7.14 4.26
CA LEU B 111 28.58 8.57 4.45
C LEU B 111 27.26 9.07 3.86
N THR B 112 26.52 9.80 4.68
CA THR B 112 25.31 10.48 4.24
C THR B 112 25.44 11.95 4.60
N VAL B 113 25.53 12.78 3.57
CA VAL B 113 25.66 14.22 3.71
C VAL B 113 24.28 14.81 3.40
N LEU B 114 23.69 15.51 4.38
CA LEU B 114 22.30 15.98 4.26
C LEU B 114 22.20 17.50 4.21
N GLU B 115 21.13 17.99 3.58
CA GLU B 115 20.81 19.42 3.55
C GLU B 115 20.69 19.99 4.96
N ASP B 116 19.67 19.57 5.70
CA ASP B 116 19.53 19.98 7.11
C ASP B 116 19.25 18.81 8.04
N LEU B 117 19.85 18.87 9.23
CA LEU B 117 19.77 17.77 10.21
C LEU B 117 18.42 17.62 10.90
N LYS B 118 17.48 18.51 10.59
CA LYS B 118 16.14 18.48 11.19
C LYS B 118 15.26 17.36 10.65
N ASN B 119 15.69 16.77 9.53
CA ASN B 119 14.99 15.63 8.94
C ASN B 119 15.41 14.27 9.54
N VAL B 120 16.42 14.29 10.40
CA VAL B 120 16.95 13.06 11.01
C VAL B 120 16.08 12.59 12.16
N PHE B 121 15.59 11.36 12.07
CA PHE B 121 14.71 10.79 13.10
C PHE B 121 15.12 9.35 13.43
N PRO B 122 15.17 9.00 14.73
CA PRO B 122 15.38 7.60 15.10
C PRO B 122 14.13 6.76 14.82
N PRO B 123 14.25 5.42 14.85
CA PRO B 123 13.07 4.58 14.66
C PRO B 123 12.25 4.46 15.94
N GLU B 124 10.95 4.25 15.78
CA GLU B 124 10.12 3.70 16.82
C GLU B 124 9.97 2.23 16.50
N VAL B 125 9.98 1.39 17.54
CA VAL B 125 10.04 -0.06 17.34
C VAL B 125 8.89 -0.71 18.10
N ALA B 126 8.24 -1.68 17.47
CA ALA B 126 7.17 -2.44 18.13
C ALA B 126 7.23 -3.91 17.74
N VAL B 127 6.91 -4.77 18.70
CA VAL B 127 6.87 -6.21 18.49
C VAL B 127 5.41 -6.65 18.52
N PHE B 128 5.01 -7.43 17.52
CA PHE B 128 3.65 -7.91 17.41
C PHE B 128 3.67 -9.40 17.67
N GLU B 129 2.78 -9.86 18.55
CA GLU B 129 2.79 -11.24 19.04
C GLU B 129 2.07 -12.18 18.09
N PRO B 130 2.48 -13.47 18.07
CA PRO B 130 1.90 -14.50 17.21
C PRO B 130 0.39 -14.61 17.34
N SER B 131 -0.27 -14.84 16.20
CA SER B 131 -1.70 -15.11 16.15
C SER B 131 -2.03 -16.49 16.75
N GLU B 132 -3.08 -16.55 17.54
CA GLU B 132 -3.59 -17.83 18.04
C GLU B 132 -4.06 -18.70 16.87
N ALA B 133 -4.55 -18.06 15.81
CA ALA B 133 -4.94 -18.78 14.60
C ALA B 133 -3.75 -19.43 13.90
N GLU B 134 -2.59 -18.78 13.90
CA GLU B 134 -1.38 -19.36 13.31
C GLU B 134 -0.93 -20.59 14.11
N ILE B 135 -0.98 -20.44 15.43
CA ILE B 135 -0.61 -21.52 16.33
C ILE B 135 -1.47 -22.77 16.07
N SER B 136 -2.79 -22.59 16.00
CA SER B 136 -3.72 -23.70 15.75
C SER B 136 -3.51 -24.36 14.38
N HIS B 137 -3.19 -23.55 13.38
CA HIS B 137 -3.15 -24.00 11.99
C HIS B 137 -1.84 -24.64 11.60
N THR B 138 -0.75 -24.17 12.20
CA THR B 138 0.59 -24.58 11.77
C THR B 138 1.47 -25.16 12.88
N GLN B 139 1.08 -24.94 14.14
CA GLN B 139 1.89 -25.36 15.28
C GLN B 139 3.22 -24.59 15.29
N LYS B 140 3.19 -23.41 14.67
CA LYS B 140 4.31 -22.47 14.66
C LYS B 140 3.80 -21.07 15.06
N ALA B 141 4.74 -20.18 15.33
CA ALA B 141 4.42 -18.89 15.90
C ALA B 141 5.38 -17.85 15.36
N THR B 142 4.84 -16.86 14.65
CA THR B 142 5.66 -15.83 14.03
C THR B 142 5.51 -14.52 14.76
N LEU B 143 6.63 -13.96 15.20
CA LEU B 143 6.64 -12.62 15.76
C LEU B 143 7.09 -11.67 14.67
N VAL B 144 6.59 -10.45 14.74
CA VAL B 144 6.95 -9.43 13.78
C VAL B 144 7.49 -8.23 14.55
N CYS B 145 8.60 -7.70 14.05
CA CYS B 145 9.15 -6.46 14.57
C CYS B 145 9.02 -5.41 13.49
N LEU B 146 8.52 -4.25 13.87
CA LEU B 146 8.38 -3.15 12.94
C LEU B 146 9.11 -1.94 13.47
N ALA B 147 10.02 -1.40 12.66
CA ALA B 147 10.68 -0.13 12.94
C ALA B 147 10.12 0.91 11.98
N THR B 148 9.70 2.05 12.51
CA THR B 148 9.00 3.04 11.71
C THR B 148 9.53 4.43 11.96
N GLY B 149 9.40 5.29 10.95
CA GLY B 149 9.64 6.72 11.11
C GLY B 149 11.09 7.14 11.22
N PHE B 150 12.02 6.32 10.76
CA PHE B 150 13.43 6.69 10.85
C PHE B 150 13.96 7.35 9.57
N TYR B 151 14.97 8.21 9.74
CA TYR B 151 15.64 8.88 8.63
C TYR B 151 17.06 9.30 9.09
N PRO B 152 18.08 9.07 8.25
CA PRO B 152 18.07 8.32 6.99
C PRO B 152 17.95 6.83 7.28
N ASP B 153 18.04 5.99 6.26
CA ASP B 153 17.91 4.55 6.52
C ASP B 153 19.26 3.89 6.85
N HIS B 154 19.74 4.19 8.06
CA HIS B 154 20.93 3.59 8.61
C HIS B 154 20.52 2.80 9.83
N VAL B 155 19.97 1.60 9.60
CA VAL B 155 19.56 0.74 10.73
C VAL B 155 20.03 -0.71 10.56
N GLU B 156 20.26 -1.37 11.69
CA GLU B 156 20.46 -2.81 11.73
C GLU B 156 19.49 -3.39 12.73
N LEU B 157 18.69 -4.34 12.30
CA LEU B 157 17.69 -4.97 13.15
C LEU B 157 18.20 -6.36 13.55
N SER B 158 18.08 -6.69 14.83
CA SER B 158 18.46 -8.03 15.26
C SER B 158 17.47 -8.62 16.26
N TRP B 159 17.38 -9.95 16.28
CA TRP B 159 16.53 -10.66 17.23
C TRP B 159 17.33 -11.32 18.30
N TRP B 160 16.81 -11.22 19.54
CA TRP B 160 17.46 -11.79 20.72
C TRP B 160 16.49 -12.64 21.46
N VAL B 161 16.81 -13.92 21.60
CA VAL B 161 15.94 -14.83 22.34
C VAL B 161 16.65 -15.24 23.63
N ASN B 162 16.04 -14.89 24.76
CA ASN B 162 16.66 -15.09 26.08
C ASN B 162 18.10 -14.58 26.18
N GLY B 163 18.34 -13.37 25.66
CA GLY B 163 19.66 -12.77 25.70
C GLY B 163 20.64 -13.24 24.64
N LYS B 164 20.22 -14.17 23.77
CA LYS B 164 21.10 -14.65 22.68
C LYS B 164 20.59 -14.23 21.32
N GLU B 165 21.48 -13.68 20.49
CA GLU B 165 21.11 -13.30 19.12
C GLU B 165 20.80 -14.53 18.28
N VAL B 166 19.65 -14.52 17.62
CA VAL B 166 19.27 -15.64 16.76
C VAL B 166 19.30 -15.23 15.28
N HIS B 167 19.53 -16.22 14.42
CA HIS B 167 19.56 -16.03 12.96
C HIS B 167 18.63 -16.99 12.29
N SER B 168 18.53 -18.17 12.89
CA SER B 168 17.62 -19.20 12.43
C SER B 168 16.19 -18.75 12.66
N GLY B 169 15.34 -18.98 11.66
CA GLY B 169 13.94 -18.58 11.74
C GLY B 169 13.69 -17.09 11.64
N VAL B 170 14.72 -16.33 11.24
CA VAL B 170 14.63 -14.88 11.07
C VAL B 170 14.70 -14.46 9.61
N CYS B 171 13.85 -13.51 9.22
CA CYS B 171 14.13 -12.77 7.99
C CYS B 171 13.68 -11.32 8.08
N THR B 172 14.52 -10.44 7.57
CA THR B 172 14.30 -8.99 7.62
C THR B 172 14.17 -8.46 6.19
N ASP B 173 13.24 -7.54 5.96
CA ASP B 173 13.05 -6.93 4.64
C ASP B 173 14.41 -6.50 4.08
N PRO B 174 14.72 -6.89 2.82
CA PRO B 174 15.93 -6.48 2.11
C PRO B 174 16.17 -4.97 2.06
N GLN B 175 15.11 -4.20 1.84
CA GLN B 175 15.16 -2.74 1.80
C GLN B 175 14.01 -2.17 2.64
N PRO B 176 14.22 -1.00 3.29
CA PRO B 176 13.10 -0.36 3.95
C PRO B 176 12.14 0.21 2.91
N LEU B 177 10.87 0.33 3.26
CA LEU B 177 9.94 1.04 2.39
C LEU B 177 9.83 2.50 2.84
N LYS B 178 9.41 3.37 1.93
CA LYS B 178 9.23 4.78 2.26
C LYS B 178 7.80 5.01 2.74
N GLU B 179 7.66 5.72 3.85
CA GLU B 179 6.35 6.08 4.38
C GLU B 179 5.63 7.10 3.48
N GLN B 180 6.40 7.73 2.58
CA GLN B 180 5.85 8.56 1.48
C GLN B 180 6.74 8.38 0.25
N PRO B 181 6.41 7.39 -0.62
CA PRO B 181 7.31 7.00 -1.72
C PRO B 181 7.66 8.14 -2.70
N ALA B 182 6.83 9.18 -2.74
CA ALA B 182 7.05 10.31 -3.63
C ALA B 182 8.19 11.25 -3.17
N LEU B 183 8.11 11.69 -1.92
CA LEU B 183 9.00 12.73 -1.39
C LEU B 183 10.44 12.25 -1.23
N ASN B 184 11.38 13.17 -1.41
CA ASN B 184 12.82 12.87 -1.33
C ASN B 184 13.30 12.63 0.11
N ASP B 185 12.65 13.30 1.06
CA ASP B 185 13.01 13.19 2.47
C ASP B 185 11.96 12.46 3.31
N SER B 186 11.37 11.41 2.71
CA SER B 186 10.40 10.55 3.39
C SER B 186 11.07 9.71 4.45
N ARG B 187 10.42 9.56 5.61
CA ARG B 187 10.91 8.66 6.65
C ARG B 187 10.70 7.20 6.20
N TYR B 188 11.36 6.27 6.86
CA TYR B 188 11.38 4.88 6.41
C TYR B 188 10.76 3.93 7.42
N ALA B 189 10.39 2.74 6.94
CA ALA B 189 9.89 1.67 7.81
C ALA B 189 10.50 0.36 7.37
N LEU B 190 10.74 -0.51 8.33
CA LEU B 190 11.39 -1.80 8.07
C LEU B 190 10.79 -2.86 8.96
N SER B 191 10.57 -4.05 8.41
CA SER B 191 9.99 -5.14 9.19
C SER B 191 10.91 -6.36 9.22
N SER B 192 10.67 -7.23 10.19
CA SER B 192 11.41 -8.49 10.32
C SER B 192 10.50 -9.48 11.00
N ARG B 193 10.70 -10.75 10.68
CA ARG B 193 9.94 -11.83 11.29
C ARG B 193 10.89 -12.75 12.03
N LEU B 194 10.41 -13.29 13.14
CA LEU B 194 11.07 -14.38 13.84
C LEU B 194 10.04 -15.48 14.04
N ARG B 195 10.32 -16.66 13.51
CA ARG B 195 9.40 -17.78 13.70
C ARG B 195 9.97 -18.86 14.60
N VAL B 196 9.16 -19.32 15.55
CA VAL B 196 9.54 -20.37 16.48
C VAL B 196 8.41 -21.40 16.54
N SER B 197 8.66 -22.54 17.19
CA SER B 197 7.62 -23.54 17.38
C SER B 197 6.57 -22.99 18.32
N ALA B 198 5.34 -23.49 18.21
CA ALA B 198 4.27 -23.07 19.12
C ALA B 198 4.60 -23.40 20.58
N THR B 199 5.26 -24.53 20.81
CA THR B 199 5.64 -24.91 22.17
C THR B 199 6.64 -23.93 22.76
N PHE B 200 7.53 -23.39 21.94
CA PHE B 200 8.51 -22.42 22.43
C PHE B 200 7.84 -21.11 22.80
N TRP B 201 6.93 -20.65 21.94
CA TRP B 201 6.16 -19.45 22.21
C TRP B 201 5.31 -19.59 23.45
N GLN B 202 4.79 -20.79 23.69
CA GLN B 202 3.84 -21.02 24.79
C GLN B 202 4.47 -21.15 26.19
N ASN B 203 5.80 -21.10 26.24
CA ASN B 203 6.54 -21.04 27.51
C ASN B 203 6.72 -19.58 27.95
N PRO B 204 6.07 -19.19 29.07
CA PRO B 204 6.07 -17.78 29.53
C PRO B 204 7.42 -17.27 30.04
N ARG B 205 8.37 -18.18 30.23
CA ARG B 205 9.72 -17.83 30.64
C ARG B 205 10.56 -17.40 29.44
N ASN B 206 10.08 -17.65 28.22
CA ASN B 206 10.85 -17.28 27.05
C ASN B 206 10.71 -15.81 26.68
N HIS B 207 11.85 -15.16 26.46
CA HIS B 207 11.91 -13.73 26.28
C HIS B 207 12.41 -13.37 24.90
N PHE B 208 11.61 -12.60 24.16
CA PHE B 208 11.95 -12.21 22.79
C PHE B 208 12.16 -10.70 22.72
N ARG B 209 13.28 -10.28 22.14
CA ARG B 209 13.56 -8.86 21.99
C ARG B 209 14.01 -8.56 20.56
N CYS B 210 13.42 -7.52 19.97
CA CYS B 210 13.87 -6.99 18.68
C CYS B 210 14.65 -5.72 18.97
N GLN B 211 15.86 -5.66 18.44
CA GLN B 211 16.76 -4.54 18.70
C GLN B 211 17.03 -3.84 17.38
N VAL B 212 16.85 -2.51 17.35
CA VAL B 212 17.14 -1.72 16.16
C VAL B 212 18.21 -0.68 16.49
N GLN B 213 19.35 -0.86 15.86
CA GLN B 213 20.47 0.05 15.98
C GLN B 213 20.28 1.11 14.91
N PHE B 214 20.31 2.38 15.31
CA PHE B 214 20.18 3.50 14.40
C PHE B 214 21.48 4.31 14.40
N TYR B 215 22.04 4.53 13.22
CA TYR B 215 23.27 5.32 13.08
C TYR B 215 22.89 6.75 12.76
N GLY B 216 22.96 7.60 13.77
CA GLY B 216 22.44 8.96 13.65
C GLY B 216 23.49 10.02 13.84
N LEU B 217 23.11 11.07 14.54
CA LEU B 217 23.99 12.20 14.81
C LEU B 217 25.02 11.89 15.89
N SER B 218 26.12 12.64 15.85
CA SER B 218 27.14 12.59 16.89
C SER B 218 26.78 13.56 18.02
N GLU B 219 27.70 13.72 18.97
CA GLU B 219 27.54 14.67 20.07
C GLU B 219 28.23 16.01 19.75
N ASN B 220 29.02 16.02 18.67
CA ASN B 220 29.62 17.25 18.17
C ASN B 220 28.72 17.99 17.17
N ASP B 221 27.64 17.33 16.75
CA ASP B 221 26.64 17.95 15.87
C ASP B 221 25.82 18.95 16.67
N GLU B 222 25.56 20.11 16.05
CA GLU B 222 24.73 21.11 16.68
C GLU B 222 23.25 20.76 16.57
N TRP B 223 22.54 20.89 17.69
CA TRP B 223 21.11 20.59 17.78
C TRP B 223 20.41 21.64 18.59
N THR B 224 19.41 22.29 17.98
CA THR B 224 18.64 23.33 18.67
C THR B 224 17.13 23.12 18.52
N GLN B 225 16.73 21.88 18.25
CA GLN B 225 15.30 21.52 18.22
C GLN B 225 14.90 21.09 19.62
N ASP B 226 13.59 21.16 19.91
CA ASP B 226 13.09 20.78 21.23
C ASP B 226 13.13 19.27 21.48
N ARG B 227 12.92 18.48 20.43
CA ARG B 227 12.97 17.02 20.56
C ARG B 227 14.37 16.52 20.91
N ALA B 228 14.48 15.25 21.30
CA ALA B 228 15.77 14.68 21.65
C ALA B 228 16.67 14.66 20.42
N LYS B 229 17.94 15.02 20.59
CA LYS B 229 18.94 14.90 19.53
C LYS B 229 18.94 13.47 19.00
N PRO B 230 18.70 13.29 17.68
CA PRO B 230 18.64 11.95 17.09
C PRO B 230 20.03 11.33 16.95
N VAL B 231 20.66 11.06 18.09
CA VAL B 231 21.98 10.45 18.12
C VAL B 231 21.91 8.96 17.80
N THR B 232 23.07 8.39 17.46
CA THR B 232 23.22 6.95 17.28
C THR B 232 22.72 6.28 18.56
N GLN B 233 21.86 5.27 18.39
CA GLN B 233 21.16 4.68 19.52
C GLN B 233 20.58 3.32 19.18
N ILE B 234 20.17 2.62 20.22
CA ILE B 234 19.42 1.37 20.11
C ILE B 234 17.99 1.62 20.60
N VAL B 235 17.02 1.24 19.79
CA VAL B 235 15.61 1.28 20.17
C VAL B 235 15.13 -0.15 20.06
N SER B 236 14.47 -0.63 21.12
CA SER B 236 14.04 -2.02 21.18
C SER B 236 12.60 -2.16 21.65
N ALA B 237 12.04 -3.34 21.42
CA ALA B 237 10.75 -3.73 21.97
C ALA B 237 10.83 -5.22 22.22
N GLU B 238 9.88 -5.73 23.01
CA GLU B 238 9.99 -7.09 23.50
C GLU B 238 8.64 -7.75 23.72
N ALA B 239 8.67 -9.07 23.85
CA ALA B 239 7.50 -9.86 24.17
C ALA B 239 7.98 -11.03 25.00
N TRP B 240 7.07 -11.58 25.80
CA TRP B 240 7.29 -12.83 26.53
C TRP B 240 6.30 -13.84 26.05
N GLY B 241 6.68 -15.11 26.12
CA GLY B 241 5.77 -16.21 25.78
C GLY B 241 4.46 -16.18 26.55
N ARG B 242 3.44 -16.85 26.03
CA ARG B 242 2.10 -16.86 26.61
C ARG B 242 1.58 -18.29 26.67
N ALA B 243 1.25 -18.76 27.86
CA ALA B 243 0.84 -20.16 28.06
C ALA B 243 -0.60 -20.42 27.62
N ASP B 244 -0.75 -21.21 26.56
CA ASP B 244 -2.05 -21.70 26.07
C ASP B 244 -1.89 -22.81 25.03
N LYS C 2 -13.11 17.73 -29.61
CA LYS C 2 -12.47 16.80 -30.59
C LYS C 2 -12.28 15.40 -29.99
N GLN C 3 -11.40 15.29 -28.98
CA GLN C 3 -11.12 14.02 -28.32
C GLN C 3 -12.32 13.52 -27.52
N GLU C 4 -12.80 12.32 -27.86
CA GLU C 4 -13.88 11.68 -27.11
C GLU C 4 -13.43 10.33 -26.58
N VAL C 5 -13.60 10.13 -25.27
CA VAL C 5 -13.28 8.87 -24.62
C VAL C 5 -14.57 8.13 -24.28
N THR C 6 -14.64 6.87 -24.70
CA THR C 6 -15.84 6.06 -24.53
C THR C 6 -15.52 4.76 -23.81
N GLN C 7 -16.42 4.34 -22.92
CA GLN C 7 -16.26 3.07 -22.19
C GLN C 7 -17.52 2.23 -22.33
N ILE C 8 -17.42 1.17 -23.14
CA ILE C 8 -18.57 0.30 -23.44
C ILE C 8 -18.24 -1.16 -23.10
N PRO C 9 -19.11 -1.84 -22.33
CA PRO C 9 -20.36 -1.33 -21.80
C PRO C 9 -20.18 -0.50 -20.53
N ALA C 10 -21.14 0.38 -20.28
CA ALA C 10 -21.13 1.29 -19.13
C ALA C 10 -21.41 0.59 -17.81
N ALA C 11 -21.88 -0.66 -17.90
CA ALA C 11 -22.13 -1.47 -16.71
C ALA C 11 -21.86 -2.93 -17.03
N LEU C 12 -21.32 -3.63 -16.05
CA LEU C 12 -20.91 -5.01 -16.23
C LEU C 12 -21.15 -5.82 -14.98
N SER C 13 -21.78 -6.98 -15.15
CA SER C 13 -21.93 -7.96 -14.10
C SER C 13 -21.05 -9.14 -14.45
N VAL C 14 -20.31 -9.65 -13.47
CA VAL C 14 -19.42 -10.80 -13.67
C VAL C 14 -19.44 -11.71 -12.44
N PRO C 15 -19.34 -13.03 -12.65
CA PRO C 15 -19.28 -13.93 -11.51
C PRO C 15 -17.93 -13.86 -10.81
N GLU C 16 -17.94 -13.94 -9.48
CA GLU C 16 -16.72 -13.95 -8.69
C GLU C 16 -15.72 -15.00 -9.20
N GLY C 17 -14.44 -14.64 -9.21
CA GLY C 17 -13.39 -15.58 -9.58
C GLY C 17 -13.05 -15.55 -11.06
N GLU C 18 -13.99 -15.11 -11.89
CA GLU C 18 -13.73 -15.00 -13.32
C GLU C 18 -12.85 -13.77 -13.62
N ASN C 19 -11.99 -13.93 -14.62
CA ASN C 19 -11.20 -12.83 -15.13
C ASN C 19 -12.12 -11.97 -16.00
N LEU C 20 -11.80 -10.68 -16.10
CA LEU C 20 -12.66 -9.75 -16.82
C LEU C 20 -11.87 -8.66 -17.53
N VAL C 21 -12.48 -8.05 -18.54
CA VAL C 21 -11.85 -6.98 -19.30
C VAL C 21 -12.74 -5.75 -19.41
N LEU C 22 -12.20 -4.59 -19.05
CA LEU C 22 -12.91 -3.33 -19.15
C LEU C 22 -12.38 -2.58 -20.35
N ASN C 23 -13.28 -1.98 -21.12
CA ASN C 23 -12.90 -1.38 -22.39
C ASN C 23 -12.84 0.14 -22.35
N CYS C 24 -11.85 0.69 -23.03
CA CYS C 24 -11.71 2.12 -23.23
C CYS C 24 -11.31 2.35 -24.68
N SER C 25 -11.95 3.31 -25.33
CA SER C 25 -11.51 3.74 -26.64
C SER C 25 -11.62 5.25 -26.78
N PHE C 26 -10.85 5.81 -27.69
CA PHE C 26 -10.74 7.24 -27.85
C PHE C 26 -10.48 7.59 -29.31
N THR C 27 -11.10 8.67 -29.78
CA THR C 27 -11.10 9.02 -31.20
C THR C 27 -9.75 9.53 -31.71
N ASP C 28 -9.03 10.30 -30.89
CA ASP C 28 -7.71 10.80 -31.27
C ASP C 28 -6.60 9.92 -30.68
N SER C 29 -5.78 9.35 -31.56
CA SER C 29 -4.72 8.42 -31.17
C SER C 29 -3.43 9.11 -30.72
N ALA C 30 -3.32 10.42 -30.95
CA ALA C 30 -2.12 11.17 -30.58
C ALA C 30 -2.12 11.57 -29.10
N ILE C 31 -2.24 10.58 -28.23
CA ILE C 31 -2.29 10.81 -26.78
C ILE C 31 -0.89 10.79 -26.18
N TYR C 32 -0.73 11.48 -25.05
CA TYR C 32 0.53 11.53 -24.32
C TYR C 32 0.63 10.41 -23.28
N ASN C 33 -0.43 10.23 -22.50
CA ASN C 33 -0.60 9.05 -21.66
C ASN C 33 -2.07 8.69 -21.43
N LEU C 34 -2.31 7.56 -20.80
CA LEU C 34 -3.65 7.13 -20.43
C LEU C 34 -3.62 6.70 -18.96
N GLN C 35 -4.71 6.95 -18.24
CA GLN C 35 -4.78 6.63 -16.82
C GLN C 35 -6.11 5.94 -16.49
N TRP C 36 -6.03 4.91 -15.67
CA TRP C 36 -7.21 4.19 -15.20
C TRP C 36 -7.45 4.51 -13.75
N PHE C 37 -8.70 4.76 -13.42
CA PHE C 37 -9.08 5.10 -12.06
C PHE C 37 -10.16 4.17 -11.56
N ARG C 38 -10.17 3.97 -10.25
CA ARG C 38 -11.30 3.36 -9.57
C ARG C 38 -12.00 4.40 -8.71
N GLN C 39 -13.32 4.38 -8.74
CA GLN C 39 -14.13 5.26 -7.93
C GLN C 39 -15.20 4.47 -7.21
N ASP C 40 -15.27 4.60 -5.90
CA ASP C 40 -16.42 4.10 -5.18
C ASP C 40 -17.38 5.27 -4.92
N PRO C 41 -18.52 5.29 -5.63
CA PRO C 41 -19.50 6.38 -5.71
C PRO C 41 -19.77 7.14 -4.40
N GLY C 42 -20.01 8.45 -4.53
CA GLY C 42 -20.09 9.33 -3.38
C GLY C 42 -18.72 9.73 -2.87
N LYS C 43 -17.68 9.04 -3.36
CA LYS C 43 -16.30 9.28 -2.92
C LYS C 43 -15.39 9.66 -4.10
N GLY C 44 -14.10 9.76 -3.82
CA GLY C 44 -13.11 10.21 -4.80
C GLY C 44 -12.55 9.12 -5.70
N LEU C 45 -11.55 9.49 -6.50
CA LEU C 45 -10.94 8.61 -7.48
C LEU C 45 -9.58 8.13 -7.00
N THR C 46 -9.30 6.85 -7.17
CA THR C 46 -7.94 6.33 -6.94
C THR C 46 -7.30 6.02 -8.28
N SER C 47 -6.10 6.55 -8.50
CA SER C 47 -5.34 6.17 -9.69
C SER C 47 -4.87 4.74 -9.54
N LEU C 48 -5.14 3.92 -10.55
CA LEU C 48 -4.78 2.51 -10.55
C LEU C 48 -3.50 2.26 -11.33
N LEU C 49 -3.49 2.73 -12.57
CA LEU C 49 -2.38 2.50 -13.49
C LEU C 49 -2.19 3.72 -14.38
N LEU C 50 -0.95 3.94 -14.80
CA LEU C 50 -0.63 4.96 -15.78
C LEU C 50 0.14 4.28 -16.91
N ILE C 51 -0.31 4.46 -18.15
CA ILE C 51 0.38 3.93 -19.32
C ILE C 51 0.92 5.07 -20.17
N GLN C 52 2.23 5.07 -20.40
CA GLN C 52 2.87 6.06 -21.24
C GLN C 52 2.56 5.80 -22.72
N SER C 53 2.66 6.80 -23.59
CA SER C 53 2.27 6.61 -24.98
C SER C 53 3.16 5.65 -25.78
N SER C 54 4.42 5.50 -25.36
CA SER C 54 5.32 4.52 -25.98
C SER C 54 5.15 3.11 -25.40
N GLN C 55 4.52 3.01 -24.23
CA GLN C 55 4.31 1.72 -23.56
C GLN C 55 3.08 1.00 -24.10
N ARG C 56 3.09 -0.33 -24.01
CA ARG C 56 2.00 -1.14 -24.53
C ARG C 56 1.26 -1.90 -23.43
N GLU C 57 1.91 -2.02 -22.27
CA GLU C 57 1.36 -2.75 -21.14
C GLU C 57 1.86 -2.17 -19.83
N GLN C 58 0.99 -2.19 -18.82
CA GLN C 58 1.39 -1.87 -17.47
C GLN C 58 0.57 -2.72 -16.51
N THR C 59 1.26 -3.31 -15.55
CA THR C 59 0.60 -4.23 -14.63
C THR C 59 0.88 -3.81 -13.20
N SER C 60 -0.10 -4.04 -12.33
CA SER C 60 0.07 -3.86 -10.89
C SER C 60 -0.82 -4.83 -10.17
N GLY C 61 -0.21 -5.85 -9.57
CA GLY C 61 -0.96 -6.91 -8.91
C GLY C 61 -1.91 -7.59 -9.87
N ARG C 62 -3.19 -7.59 -9.52
CA ARG C 62 -4.22 -8.25 -10.31
C ARG C 62 -4.65 -7.44 -11.54
N LEU C 63 -4.12 -6.23 -11.68
CA LEU C 63 -4.49 -5.35 -12.78
C LEU C 63 -3.46 -5.37 -13.90
N ASN C 64 -3.95 -5.51 -15.13
CA ASN C 64 -3.12 -5.53 -16.32
C ASN C 64 -3.77 -4.64 -17.35
N ALA C 65 -3.13 -3.51 -17.66
CA ALA C 65 -3.69 -2.57 -18.63
C ALA C 65 -2.92 -2.58 -19.94
N SER C 66 -3.65 -2.62 -21.05
CA SER C 66 -3.03 -2.63 -22.37
C SER C 66 -3.29 -1.32 -23.10
N LEU C 67 -2.39 -0.95 -23.99
CA LEU C 67 -2.59 0.24 -24.80
C LEU C 67 -2.23 -0.05 -26.25
N ASP C 68 -3.18 0.20 -27.14
CA ASP C 68 -2.97 0.13 -28.58
C ASP C 68 -3.31 1.49 -29.17
N LYS C 69 -2.33 2.40 -29.14
CA LYS C 69 -2.52 3.77 -29.62
C LYS C 69 -3.19 3.82 -30.99
N SER C 70 -2.66 3.03 -31.93
CA SER C 70 -3.09 3.06 -33.33
C SER C 70 -4.56 2.69 -33.55
N SER C 71 -5.04 1.69 -32.81
CA SER C 71 -6.46 1.31 -32.88
C SER C 71 -7.33 2.20 -31.98
N GLY C 72 -6.69 3.10 -31.23
CA GLY C 72 -7.37 4.02 -30.33
C GLY C 72 -8.08 3.32 -29.19
N ARG C 73 -7.42 2.34 -28.58
CA ARG C 73 -8.03 1.50 -27.56
C ARG C 73 -7.12 1.23 -26.38
N SER C 74 -7.71 1.17 -25.19
CA SER C 74 -7.04 0.61 -24.03
C SER C 74 -7.96 -0.39 -23.37
N THR C 75 -7.36 -1.31 -22.64
CA THR C 75 -8.06 -2.43 -22.05
C THR C 75 -7.57 -2.60 -20.62
N LEU C 76 -8.48 -2.77 -19.67
CA LEU C 76 -8.09 -3.05 -18.29
C LEU C 76 -8.54 -4.45 -17.88
N TYR C 77 -7.55 -5.29 -17.57
CA TYR C 77 -7.80 -6.69 -17.24
C TYR C 77 -7.71 -6.88 -15.74
N ILE C 78 -8.75 -7.46 -15.17
CA ILE C 78 -8.77 -7.76 -13.74
C ILE C 78 -8.76 -9.28 -13.56
N ALA C 79 -7.71 -9.77 -12.92
CA ALA C 79 -7.54 -11.19 -12.68
C ALA C 79 -8.35 -11.62 -11.47
N ALA C 80 -8.97 -12.80 -11.57
CA ALA C 80 -9.64 -13.46 -10.45
C ALA C 80 -10.47 -12.47 -9.63
N SER C 81 -11.51 -11.95 -10.26
CA SER C 81 -12.31 -10.88 -9.66
C SER C 81 -12.91 -11.27 -8.31
N GLN C 82 -13.00 -10.27 -7.43
CA GLN C 82 -13.51 -10.46 -6.06
C GLN C 82 -14.67 -9.48 -5.86
N PRO C 83 -15.63 -9.80 -4.97
CA PRO C 83 -16.72 -8.87 -4.70
C PRO C 83 -16.23 -7.46 -4.35
N GLY C 84 -15.07 -7.38 -3.70
CA GLY C 84 -14.45 -6.09 -3.35
C GLY C 84 -13.98 -5.26 -4.53
N ASP C 85 -13.93 -5.88 -5.70
CA ASP C 85 -13.60 -5.18 -6.93
C ASP C 85 -14.76 -4.32 -7.45
N SER C 86 -15.97 -4.54 -6.93
CA SER C 86 -17.16 -3.82 -7.39
C SER C 86 -16.99 -2.31 -7.20
N ALA C 87 -17.08 -1.55 -8.29
CA ALA C 87 -16.77 -0.12 -8.28
C ALA C 87 -17.02 0.48 -9.66
N THR C 88 -16.85 1.79 -9.79
CA THR C 88 -16.86 2.44 -11.08
C THR C 88 -15.41 2.55 -11.55
N TYR C 89 -15.17 2.12 -12.79
CA TYR C 89 -13.84 2.19 -13.37
C TYR C 89 -13.83 3.25 -14.48
N LEU C 90 -12.86 4.16 -14.41
CA LEU C 90 -12.83 5.30 -15.32
C LEU C 90 -11.52 5.32 -16.07
N CYS C 91 -11.61 5.59 -17.37
CA CYS C 91 -10.46 5.74 -18.24
C CYS C 91 -10.31 7.22 -18.58
N ALA C 92 -9.07 7.72 -18.56
CA ALA C 92 -8.79 9.11 -18.90
C ALA C 92 -7.54 9.21 -19.76
N VAL C 93 -7.54 10.16 -20.71
CA VAL C 93 -6.35 10.43 -21.52
C VAL C 93 -5.81 11.86 -21.35
N ARG C 94 -4.49 12.00 -21.44
CA ARG C 94 -3.82 13.30 -21.52
C ARG C 94 -3.30 13.49 -22.94
N MET C 95 -3.52 14.67 -23.51
CA MET C 95 -3.01 14.99 -24.84
C MET C 95 -1.70 15.75 -24.73
N ASP C 96 -0.96 15.84 -25.83
CA ASP C 96 0.34 16.50 -25.82
C ASP C 96 0.23 18.02 -25.65
N SER C 97 -0.90 18.57 -26.08
CA SER C 97 -1.15 20.02 -26.05
C SER C 97 -1.53 20.58 -24.67
N SER C 98 -2.00 19.71 -23.77
CA SER C 98 -2.50 20.15 -22.47
C SER C 98 -2.21 19.15 -21.35
N TYR C 99 -2.17 19.64 -20.12
CA TYR C 99 -1.95 18.78 -18.96
C TYR C 99 -3.24 18.17 -18.41
N LYS C 100 -4.38 18.66 -18.87
CA LYS C 100 -5.67 18.16 -18.40
C LYS C 100 -5.94 16.73 -18.86
N LEU C 101 -6.77 16.02 -18.11
CA LEU C 101 -7.23 14.69 -18.50
C LEU C 101 -8.63 14.81 -19.08
N ILE C 102 -8.91 14.01 -20.10
CA ILE C 102 -10.25 13.86 -20.64
C ILE C 102 -10.72 12.47 -20.25
N PHE C 103 -11.84 12.42 -19.52
CA PHE C 103 -12.39 11.18 -18.96
C PHE C 103 -13.49 10.59 -19.81
N GLY C 104 -13.57 9.26 -19.86
CA GLY C 104 -14.78 8.58 -20.31
C GLY C 104 -15.83 8.65 -19.20
N SER C 105 -17.02 8.14 -19.48
CA SER C 105 -18.12 8.19 -18.51
C SER C 105 -18.09 7.06 -17.47
N GLY C 106 -17.21 6.08 -17.69
CA GLY C 106 -16.99 5.03 -16.71
C GLY C 106 -17.79 3.76 -16.91
N THR C 107 -17.33 2.68 -16.29
CA THR C 107 -18.05 1.41 -16.29
C THR C 107 -18.29 0.97 -14.85
N ARG C 108 -19.55 0.72 -14.52
CA ARG C 108 -19.90 0.21 -13.21
C ARG C 108 -19.79 -1.31 -13.19
N LEU C 109 -18.82 -1.81 -12.41
CA LEU C 109 -18.59 -3.24 -12.28
C LEU C 109 -19.26 -3.76 -11.01
N LEU C 110 -20.01 -4.84 -11.15
CA LEU C 110 -20.53 -5.56 -10.00
C LEU C 110 -20.05 -7.01 -10.11
N VAL C 111 -19.32 -7.46 -9.09
CA VAL C 111 -18.83 -8.82 -9.04
C VAL C 111 -19.72 -9.63 -8.10
N ARG C 112 -20.56 -10.47 -8.69
CA ARG C 112 -21.51 -11.31 -7.95
C ARG C 112 -20.77 -12.32 -7.09
N PRO C 113 -21.06 -12.35 -5.77
CA PRO C 113 -20.39 -13.33 -4.93
C PRO C 113 -20.82 -14.77 -5.25
N ASP C 114 -19.89 -15.70 -5.08
CA ASP C 114 -20.17 -17.11 -5.26
C ASP C 114 -20.79 -17.65 -3.98
N ILE C 115 -22.09 -17.92 -4.02
CA ILE C 115 -22.79 -18.44 -2.85
C ILE C 115 -22.84 -19.98 -2.94
N GLN C 116 -21.94 -20.63 -2.20
CA GLN C 116 -21.75 -22.07 -2.25
C GLN C 116 -22.91 -22.85 -1.64
N ASN C 117 -23.41 -22.38 -0.51
CA ASN C 117 -24.50 -23.03 0.21
C ASN C 117 -25.68 -22.09 0.46
N PRO C 118 -26.46 -21.79 -0.59
CA PRO C 118 -27.58 -20.85 -0.45
C PRO C 118 -28.61 -21.36 0.56
N ASP C 119 -29.20 -20.43 1.30
CA ASP C 119 -30.17 -20.76 2.34
C ASP C 119 -31.27 -19.70 2.35
N PRO C 120 -31.90 -19.44 1.18
CA PRO C 120 -32.81 -18.29 1.03
C PRO C 120 -33.91 -18.28 2.09
N ALA C 121 -34.05 -17.15 2.78
CA ALA C 121 -35.02 -17.05 3.86
C ALA C 121 -35.52 -15.64 4.04
N VAL C 122 -36.76 -15.51 4.51
CA VAL C 122 -37.32 -14.22 4.83
C VAL C 122 -37.66 -14.19 6.32
N TYR C 123 -37.05 -13.26 7.05
CA TYR C 123 -37.27 -13.14 8.49
C TYR C 123 -37.90 -11.80 8.82
N GLN C 124 -38.65 -11.77 9.92
CA GLN C 124 -39.18 -10.53 10.45
C GLN C 124 -38.34 -10.08 11.63
N LEU C 125 -37.94 -8.81 11.61
CA LEU C 125 -37.18 -8.20 12.68
C LEU C 125 -38.00 -7.11 13.33
N ARG C 126 -37.96 -7.03 14.65
CA ARG C 126 -38.74 -6.03 15.39
C ARG C 126 -37.87 -4.90 15.90
N ASP C 127 -38.45 -3.71 16.04
CA ASP C 127 -37.77 -2.52 16.53
C ASP C 127 -37.21 -2.71 17.95
N SER C 128 -35.99 -2.24 18.15
CA SER C 128 -35.33 -2.20 19.44
C SER C 128 -36.15 -1.41 20.46
N LYS C 129 -36.48 -0.17 20.09
CA LYS C 129 -37.36 0.70 20.87
C LYS C 129 -38.81 0.21 20.80
N SER C 130 -39.53 0.30 21.92
CA SER C 130 -40.94 -0.05 21.95
C SER C 130 -41.68 0.65 20.81
N SER C 131 -42.12 -0.15 19.84
CA SER C 131 -42.78 0.37 18.64
C SER C 131 -43.75 -0.64 18.06
N ASP C 132 -44.50 -0.19 17.06
CA ASP C 132 -45.33 -1.07 16.25
C ASP C 132 -44.50 -1.56 15.04
N LYS C 133 -43.25 -1.07 14.97
CA LYS C 133 -42.42 -1.20 13.78
C LYS C 133 -41.70 -2.52 13.60
N SER C 134 -41.63 -2.95 12.34
CA SER C 134 -40.97 -4.19 11.94
C SER C 134 -40.46 -4.05 10.52
N VAL C 135 -39.34 -4.70 10.22
CA VAL C 135 -38.83 -4.78 8.85
C VAL C 135 -38.72 -6.25 8.44
N CYS C 136 -38.65 -6.52 7.14
CA CYS C 136 -38.48 -7.88 6.65
C CYS C 136 -37.12 -8.03 6.00
N LEU C 137 -36.41 -9.09 6.35
CA LEU C 137 -35.08 -9.35 5.79
C LEU C 137 -35.08 -10.58 4.93
N PHE C 138 -34.78 -10.39 3.65
CA PHE C 138 -34.60 -11.49 2.70
C PHE C 138 -33.10 -11.70 2.58
N THR C 139 -32.65 -12.90 2.90
CA THR C 139 -31.23 -13.12 3.04
C THR C 139 -30.78 -14.50 2.56
N ASP C 140 -29.49 -14.63 2.27
CA ASP C 140 -28.84 -15.93 2.04
C ASP C 140 -29.25 -16.61 0.74
N PHE C 141 -29.74 -15.81 -0.19
CA PHE C 141 -30.11 -16.29 -1.51
C PHE C 141 -28.94 -16.18 -2.47
N ASP C 142 -28.97 -16.98 -3.53
CA ASP C 142 -27.91 -16.99 -4.56
C ASP C 142 -27.82 -15.67 -5.33
N SER C 143 -26.71 -15.46 -6.01
CA SER C 143 -26.43 -14.18 -6.65
C SER C 143 -27.20 -13.92 -7.95
N GLN C 144 -27.99 -14.90 -8.39
CA GLN C 144 -28.79 -14.78 -9.60
C GLN C 144 -30.17 -14.17 -9.34
N THR C 145 -30.59 -14.17 -8.08
CA THR C 145 -31.90 -13.64 -7.70
C THR C 145 -31.94 -12.11 -7.85
N ASN C 146 -32.93 -11.62 -8.60
CA ASN C 146 -33.17 -10.19 -8.75
C ASN C 146 -34.22 -9.72 -7.73
N VAL C 147 -33.86 -8.71 -6.95
CA VAL C 147 -34.83 -8.10 -6.03
C VAL C 147 -35.45 -6.88 -6.70
N SER C 148 -36.74 -6.99 -7.02
CA SER C 148 -37.45 -5.93 -7.72
C SER C 148 -38.09 -4.95 -6.75
N GLN C 149 -38.38 -3.75 -7.27
CA GLN C 149 -39.14 -2.73 -6.54
C GLN C 149 -40.57 -3.22 -6.29
N SER C 150 -41.25 -2.63 -5.31
CA SER C 150 -42.64 -2.98 -5.05
C SER C 150 -43.59 -2.30 -6.03
N LYS C 151 -44.76 -2.91 -6.24
CA LYS C 151 -45.79 -2.37 -7.13
C LYS C 151 -46.42 -1.12 -6.52
N ASP C 152 -46.60 -1.15 -5.20
CA ASP C 152 -47.26 -0.07 -4.48
C ASP C 152 -46.25 0.87 -3.81
N SER C 153 -46.46 2.17 -4.03
CA SER C 153 -45.55 3.23 -3.58
C SER C 153 -45.32 3.27 -2.07
N ASP C 154 -46.26 2.68 -1.32
CA ASP C 154 -46.20 2.69 0.14
C ASP C 154 -45.20 1.66 0.70
N VAL C 155 -44.67 0.80 -0.17
CA VAL C 155 -43.79 -0.30 0.26
C VAL C 155 -42.36 -0.05 -0.21
N TYR C 156 -41.42 -0.16 0.72
CA TYR C 156 -40.02 0.15 0.46
C TYR C 156 -39.18 -1.10 0.43
N ILE C 157 -38.50 -1.32 -0.70
CA ILE C 157 -37.67 -2.50 -0.87
C ILE C 157 -36.30 -2.06 -1.37
N THR C 158 -35.26 -2.38 -0.61
CA THR C 158 -33.90 -2.01 -1.00
C THR C 158 -33.39 -2.94 -2.09
N ASP C 159 -32.41 -2.48 -2.85
CA ASP C 159 -31.68 -3.39 -3.75
C ASP C 159 -30.90 -4.38 -2.90
N LYS C 160 -30.45 -5.47 -3.50
CA LYS C 160 -29.64 -6.44 -2.76
C LYS C 160 -28.27 -5.86 -2.43
N CYS C 161 -27.76 -6.27 -1.27
CA CYS C 161 -26.52 -5.79 -0.70
C CYS C 161 -25.62 -7.00 -0.49
N VAL C 162 -24.36 -6.89 -0.91
CA VAL C 162 -23.39 -7.98 -0.75
C VAL C 162 -22.61 -7.81 0.55
N LEU C 163 -22.75 -8.78 1.44
CA LEU C 163 -22.13 -8.77 2.77
C LEU C 163 -20.94 -9.74 2.82
N ASP C 164 -20.05 -9.53 3.80
CA ASP C 164 -18.88 -10.39 4.01
C ASP C 164 -18.36 -10.26 5.44
N MET C 165 -18.73 -11.21 6.30
CA MET C 165 -18.24 -11.26 7.67
C MET C 165 -16.75 -11.60 7.65
N ARG C 166 -15.93 -10.56 7.48
CA ARG C 166 -14.50 -10.70 7.13
C ARG C 166 -13.71 -11.72 7.96
N SER C 167 -13.84 -11.62 9.28
CA SER C 167 -13.20 -12.57 10.18
C SER C 167 -13.70 -14.00 9.90
N MET C 168 -15.02 -14.15 9.86
CA MET C 168 -15.68 -15.42 9.53
C MET C 168 -15.42 -15.82 8.07
N ASP C 169 -15.78 -17.06 7.73
CA ASP C 169 -15.57 -17.61 6.39
C ASP C 169 -16.82 -17.46 5.50
N PHE C 170 -17.72 -16.56 5.90
CA PHE C 170 -19.05 -16.51 5.32
C PHE C 170 -19.43 -15.15 4.70
N LYS C 171 -20.07 -15.21 3.53
CA LYS C 171 -20.62 -14.03 2.84
C LYS C 171 -22.05 -14.30 2.36
N SER C 172 -22.81 -13.22 2.10
CA SER C 172 -24.24 -13.36 1.78
C SER C 172 -24.84 -12.19 1.02
N ASN C 173 -25.96 -12.47 0.35
CA ASN C 173 -26.79 -11.44 -0.25
C ASN C 173 -27.94 -11.14 0.71
N SER C 174 -28.46 -9.91 0.63
CA SER C 174 -29.68 -9.57 1.38
C SER C 174 -30.37 -8.32 0.85
N ALA C 175 -31.67 -8.22 1.14
CA ALA C 175 -32.45 -7.05 0.84
C ALA C 175 -33.40 -6.85 2.01
N VAL C 176 -33.81 -5.61 2.23
CA VAL C 176 -34.69 -5.27 3.33
C VAL C 176 -35.98 -4.69 2.76
N ALA C 177 -37.11 -5.01 3.40
CA ALA C 177 -38.38 -4.38 3.03
C ALA C 177 -39.13 -3.95 4.28
N TRP C 178 -39.85 -2.83 4.19
CA TRP C 178 -40.72 -2.36 5.26
C TRP C 178 -41.84 -1.53 4.72
N SER C 179 -42.88 -1.38 5.54
CA SER C 179 -44.05 -0.58 5.15
C SER C 179 -44.95 -0.27 6.33
N ASN C 180 -45.84 0.69 6.11
CA ASN C 180 -46.99 0.95 6.96
C ASN C 180 -48.28 0.52 6.25
N LYS C 181 -48.15 0.16 4.97
CA LYS C 181 -49.27 -0.37 4.19
C LYS C 181 -50.05 -1.38 5.02
N SER C 182 -51.38 -1.21 5.01
CA SER C 182 -52.28 -1.95 5.91
C SER C 182 -51.99 -3.45 5.99
N ASP C 183 -52.00 -4.11 4.84
CA ASP C 183 -51.87 -5.57 4.77
C ASP C 183 -50.44 -6.04 4.49
N PHE C 184 -49.46 -5.22 4.85
CA PHE C 184 -48.06 -5.58 4.62
C PHE C 184 -47.61 -6.67 5.58
N ALA C 185 -47.12 -7.76 5.00
CA ALA C 185 -46.53 -8.85 5.77
C ALA C 185 -45.24 -9.29 5.10
N CYS C 186 -44.33 -9.86 5.89
CA CYS C 186 -43.08 -10.38 5.34
C CYS C 186 -43.35 -11.50 4.34
N ALA C 187 -44.41 -12.26 4.57
CA ALA C 187 -44.77 -13.37 3.68
C ALA C 187 -45.12 -12.90 2.27
N ASN C 188 -45.64 -11.68 2.14
CA ASN C 188 -45.97 -11.12 0.83
C ASN C 188 -45.08 -9.97 0.35
N ALA C 189 -44.18 -9.50 1.23
CA ALA C 189 -43.34 -8.33 0.95
C ALA C 189 -42.63 -8.40 -0.40
N PHE C 190 -42.09 -9.57 -0.74
CA PHE C 190 -41.28 -9.74 -1.93
C PHE C 190 -42.04 -10.36 -3.13
N ASN C 191 -43.37 -10.19 -3.12
CA ASN C 191 -44.25 -10.72 -4.18
C ASN C 191 -43.92 -10.30 -5.60
N ASN C 192 -43.43 -9.09 -5.78
CA ASN C 192 -43.09 -8.62 -7.12
C ASN C 192 -41.72 -9.12 -7.61
N SER C 193 -41.07 -9.95 -6.80
CA SER C 193 -39.78 -10.55 -7.18
C SER C 193 -39.92 -12.04 -7.49
N ILE C 194 -39.08 -12.51 -8.40
CA ILE C 194 -38.94 -13.95 -8.61
C ILE C 194 -37.91 -14.45 -7.60
N ILE C 195 -38.38 -15.12 -6.56
CA ILE C 195 -37.51 -15.59 -5.48
C ILE C 195 -37.42 -17.12 -5.55
N PRO C 196 -36.43 -17.73 -4.88
CA PRO C 196 -36.28 -19.20 -4.95
C PRO C 196 -37.47 -19.95 -4.35
N GLU C 197 -37.87 -21.07 -4.97
CA GLU C 197 -39.06 -21.82 -4.56
C GLU C 197 -38.94 -22.37 -3.13
N ASP C 198 -37.71 -22.66 -2.72
CA ASP C 198 -37.43 -23.19 -1.38
C ASP C 198 -37.13 -22.11 -0.34
N THR C 199 -37.54 -20.87 -0.59
CA THR C 199 -37.36 -19.78 0.38
C THR C 199 -38.10 -20.09 1.69
N PHE C 200 -37.38 -19.94 2.79
CA PHE C 200 -37.83 -20.30 4.12
C PHE C 200 -38.59 -19.13 4.76
N PHE C 201 -39.86 -19.38 5.08
CA PHE C 201 -40.71 -18.40 5.79
C PHE C 201 -41.10 -18.95 7.17
N PRO C 202 -40.21 -18.82 8.17
CA PRO C 202 -40.47 -19.40 9.49
C PRO C 202 -41.56 -18.65 10.27
N SER C 203 -42.30 -19.38 11.11
CA SER C 203 -43.25 -18.71 12.00
C SER C 203 -42.50 -18.00 13.12
N PRO C 204 -42.90 -16.75 13.43
CA PRO C 204 -42.20 -15.97 14.45
C PRO C 204 -42.44 -16.49 15.87
N GLU C 205 -41.62 -16.01 16.82
CA GLU C 205 -41.79 -16.25 18.26
C GLU C 205 -40.85 -15.37 19.08
N THR D 3 0.50 13.75 1.68
CA THR D 3 -0.09 12.38 1.76
C THR D 3 -1.24 12.23 0.77
N GLY D 4 -2.22 13.14 0.86
CA GLY D 4 -3.37 13.15 -0.04
C GLY D 4 -3.97 14.52 -0.21
N VAL D 5 -4.74 14.68 -1.29
CA VAL D 5 -5.45 15.95 -1.55
C VAL D 5 -6.65 16.05 -0.59
N SER D 6 -6.84 17.24 -0.01
CA SER D 6 -7.99 17.44 0.86
C SER D 6 -8.83 18.65 0.47
N GLN D 7 -10.14 18.46 0.57
CA GLN D 7 -11.12 19.44 0.10
C GLN D 7 -12.11 19.74 1.21
N ASN D 8 -12.49 21.01 1.32
CA ASN D 8 -13.50 21.47 2.27
C ASN D 8 -14.41 22.53 1.64
N PRO D 9 -15.72 22.46 1.93
CA PRO D 9 -16.37 21.44 2.74
C PRO D 9 -16.66 20.16 1.95
N ARG D 10 -16.80 19.05 2.68
CA ARG D 10 -17.14 17.75 2.08
C ARG D 10 -18.52 17.81 1.44
N HIS D 11 -19.42 18.54 2.09
CA HIS D 11 -20.80 18.64 1.66
C HIS D 11 -21.27 20.05 1.86
N LYS D 12 -22.06 20.56 0.93
CA LYS D 12 -22.60 21.90 1.04
C LYS D 12 -24.00 21.97 0.47
N ILE D 13 -24.93 22.49 1.28
CA ILE D 13 -26.27 22.76 0.80
C ILE D 13 -26.41 24.26 0.65
N THR D 14 -26.91 24.69 -0.50
CA THR D 14 -27.09 26.10 -0.73
C THR D 14 -28.51 26.35 -1.21
N LYS D 15 -28.97 27.58 -1.00
CA LYS D 15 -30.22 28.04 -1.57
C LYS D 15 -29.92 28.68 -2.90
N ARG D 16 -30.77 28.40 -3.88
CA ARG D 16 -30.66 28.96 -5.23
C ARG D 16 -30.41 30.47 -5.16
N GLY D 17 -29.38 30.92 -5.86
CA GLY D 17 -29.02 32.35 -5.88
C GLY D 17 -27.92 32.75 -4.91
N GLN D 18 -27.63 31.91 -3.91
CA GLN D 18 -26.55 32.19 -2.98
C GLN D 18 -25.19 31.84 -3.59
N ASN D 19 -24.13 32.37 -2.98
CA ASN D 19 -22.76 32.09 -3.40
C ASN D 19 -22.14 30.96 -2.57
N VAL D 20 -21.27 30.18 -3.19
CA VAL D 20 -20.49 29.16 -2.49
C VAL D 20 -19.02 29.18 -2.86
N THR D 21 -18.17 28.83 -1.89
CA THR D 21 -16.74 28.69 -2.10
C THR D 21 -16.27 27.32 -1.64
N PHE D 22 -15.58 26.60 -2.52
CA PHE D 22 -14.92 25.36 -2.15
C PHE D 22 -13.42 25.59 -2.03
N ARG D 23 -12.76 24.82 -1.17
CA ARG D 23 -11.32 24.93 -1.01
C ARG D 23 -10.67 23.58 -1.25
N CYS D 24 -9.47 23.61 -1.82
CA CYS D 24 -8.69 22.43 -2.04
C CYS D 24 -7.25 22.63 -1.56
N ASP D 25 -6.76 21.67 -0.77
CA ASP D 25 -5.35 21.60 -0.43
C ASP D 25 -4.67 20.45 -1.15
N PRO D 26 -3.76 20.78 -2.07
CA PRO D 26 -3.06 19.77 -2.84
C PRO D 26 -1.98 19.09 -1.97
N ILE D 27 -1.48 17.97 -2.45
CA ILE D 27 -0.31 17.31 -1.86
C ILE D 27 0.86 18.30 -1.88
N SER D 28 1.65 18.31 -0.82
CA SER D 28 2.78 19.23 -0.70
C SER D 28 3.75 19.09 -1.88
N GLU D 29 4.22 20.22 -2.39
CA GLU D 29 5.21 20.29 -3.48
C GLU D 29 4.67 19.95 -4.88
N HIS D 30 3.39 19.61 -4.98
CA HIS D 30 2.75 19.40 -6.28
C HIS D 30 2.55 20.73 -6.93
N ASN D 31 3.09 20.92 -8.14
CA ASN D 31 3.00 22.23 -8.80
C ASN D 31 1.73 22.46 -9.65
N ARG D 32 1.03 21.38 -9.99
CA ARG D 32 -0.20 21.49 -10.78
C ARG D 32 -1.44 21.13 -9.95
N LEU D 33 -2.47 21.96 -10.08
CA LEU D 33 -3.75 21.71 -9.41
C LEU D 33 -4.87 21.83 -10.43
N TYR D 34 -5.81 20.88 -10.40
CA TYR D 34 -6.91 20.80 -11.35
C TYR D 34 -8.26 20.78 -10.65
N TRP D 35 -9.25 21.39 -11.29
CA TRP D 35 -10.63 21.32 -10.83
C TRP D 35 -11.47 20.59 -11.85
N TYR D 36 -12.28 19.65 -11.37
CA TYR D 36 -13.24 18.91 -12.19
C TYR D 36 -14.62 18.93 -11.55
N ARG D 37 -15.65 18.69 -12.37
CA ARG D 37 -17.01 18.59 -11.88
C ARG D 37 -17.60 17.25 -12.34
N GLN D 38 -18.31 16.55 -11.45
CA GLN D 38 -18.90 15.26 -11.82
C GLN D 38 -20.37 15.17 -11.41
N THR D 39 -21.22 14.81 -12.36
CA THR D 39 -22.62 14.51 -12.04
C THR D 39 -22.81 13.00 -11.93
N LEU D 40 -23.83 12.58 -11.18
CA LEU D 40 -24.04 11.15 -10.88
C LEU D 40 -24.16 10.32 -12.17
N GLY D 41 -23.46 9.19 -12.18
CA GLY D 41 -23.49 8.28 -13.31
C GLY D 41 -22.68 8.72 -14.52
N GLN D 42 -21.96 9.84 -14.39
CA GLN D 42 -21.09 10.32 -15.47
C GLN D 42 -19.64 10.40 -15.00
N GLY D 43 -18.75 10.79 -15.91
CA GLY D 43 -17.34 10.96 -15.56
C GLY D 43 -17.02 12.41 -15.27
N PRO D 44 -15.84 12.67 -14.66
CA PRO D 44 -15.37 14.02 -14.39
C PRO D 44 -15.28 14.87 -15.66
N GLU D 45 -15.71 16.12 -15.56
CA GLU D 45 -15.60 17.07 -16.66
C GLU D 45 -14.65 18.17 -16.23
N PHE D 46 -13.71 18.50 -17.09
CA PHE D 46 -12.66 19.47 -16.77
C PHE D 46 -13.22 20.87 -16.52
N LEU D 47 -12.70 21.55 -15.50
CA LEU D 47 -13.07 22.95 -15.27
C LEU D 47 -11.90 23.90 -15.55
N THR D 48 -10.81 23.71 -14.82
CA THR D 48 -9.66 24.60 -14.92
C THR D 48 -8.46 23.95 -14.27
N TYR D 49 -7.27 24.41 -14.65
CA TYR D 49 -6.07 24.01 -13.93
C TYR D 49 -5.00 25.09 -13.81
N PHE D 50 -4.23 24.98 -12.74
CA PHE D 50 -3.19 25.95 -12.44
C PHE D 50 -1.83 25.30 -12.57
N GLN D 51 -0.85 26.09 -13.01
CA GLN D 51 0.55 25.77 -12.76
C GLN D 51 1.01 26.78 -11.75
N ASN D 52 1.32 26.30 -10.54
CA ASN D 52 1.55 27.18 -9.40
C ASN D 52 0.44 28.24 -9.33
N GLU D 53 0.82 29.52 -9.33
CA GLU D 53 -0.16 30.60 -9.23
C GLU D 53 -0.98 30.84 -10.49
N ALA D 54 -0.49 30.41 -11.64
CA ALA D 54 -1.12 30.76 -12.92
C ALA D 54 -2.23 29.81 -13.35
N GLN D 55 -3.41 30.36 -13.65
CA GLN D 55 -4.47 29.59 -14.29
C GLN D 55 -4.13 29.45 -15.77
N LEU D 56 -3.78 28.24 -16.19
CA LEU D 56 -3.26 28.04 -17.54
C LEU D 56 -4.33 27.69 -18.57
N GLU D 57 -5.45 27.14 -18.11
CA GLU D 57 -6.51 26.71 -19.00
C GLU D 57 -7.82 26.58 -18.25
N LYS D 58 -8.92 26.83 -18.96
CA LYS D 58 -10.25 26.61 -18.42
C LYS D 58 -11.14 26.06 -19.52
N SER D 59 -12.24 25.43 -19.13
CA SER D 59 -13.22 24.95 -20.09
C SER D 59 -14.42 25.88 -20.11
N ARG D 60 -15.34 25.60 -21.03
CA ARG D 60 -16.60 26.31 -21.16
C ARG D 60 -17.47 26.17 -19.90
N LEU D 61 -17.30 25.06 -19.18
CA LEU D 61 -18.06 24.83 -17.95
C LEU D 61 -17.63 25.75 -16.81
N LEU D 62 -16.39 26.27 -16.87
CA LEU D 62 -15.97 27.34 -15.97
C LEU D 62 -16.50 28.62 -16.57
N SER D 63 -17.80 28.84 -16.40
CA SER D 63 -18.49 29.96 -17.02
C SER D 63 -18.35 31.20 -16.14
N ASP D 64 -18.90 32.31 -16.60
CA ASP D 64 -18.68 33.62 -15.98
C ASP D 64 -18.98 33.69 -14.48
N ARG D 65 -19.93 32.89 -14.01
CA ARG D 65 -20.24 32.84 -12.58
C ARG D 65 -19.19 32.11 -11.73
N PHE D 66 -18.31 31.35 -12.38
CA PHE D 66 -17.26 30.62 -11.68
C PHE D 66 -15.97 31.41 -11.64
N SER D 67 -15.31 31.39 -10.49
CA SER D 67 -13.97 31.92 -10.36
C SER D 67 -13.11 30.99 -9.53
N ALA D 68 -11.91 30.72 -10.05
CA ALA D 68 -10.96 29.89 -9.34
C ALA D 68 -9.67 30.68 -9.16
N GLU D 69 -9.04 30.52 -8.00
CA GLU D 69 -7.76 31.16 -7.74
C GLU D 69 -6.88 30.31 -6.86
N ARG D 70 -5.57 30.58 -6.94
CA ARG D 70 -4.59 29.83 -6.19
C ARG D 70 -3.50 30.82 -5.76
N PRO D 71 -3.83 31.71 -4.80
CA PRO D 71 -3.08 32.96 -4.54
C PRO D 71 -1.59 32.82 -4.22
N LYS D 72 -1.21 31.78 -3.50
CA LYS D 72 0.17 31.61 -3.05
C LYS D 72 0.75 30.33 -3.62
N GLY D 73 0.18 29.89 -4.75
CA GLY D 73 0.32 28.49 -5.14
C GLY D 73 -0.43 27.75 -4.05
N SER D 74 0.05 26.56 -3.69
CA SER D 74 -0.56 25.78 -2.62
C SER D 74 -2.08 25.65 -2.80
N PHE D 75 -2.86 26.07 -1.80
CA PHE D 75 -4.31 25.91 -1.80
C PHE D 75 -5.02 26.69 -2.91
N SER D 76 -6.16 26.15 -3.34
CA SER D 76 -6.98 26.78 -4.35
C SER D 76 -8.43 26.86 -3.90
N THR D 77 -9.10 27.93 -4.28
CA THR D 77 -10.51 28.09 -3.98
C THR D 77 -11.30 28.17 -5.28
N LEU D 78 -12.50 27.59 -5.27
CA LEU D 78 -13.40 27.69 -6.40
C LEU D 78 -14.69 28.33 -5.90
N GLU D 79 -15.02 29.49 -6.46
CA GLU D 79 -16.24 30.19 -6.07
C GLU D 79 -17.29 30.10 -7.16
N ILE D 80 -18.51 29.76 -6.74
CA ILE D 80 -19.66 29.77 -7.63
C ILE D 80 -20.60 30.85 -7.12
N GLN D 81 -20.88 31.83 -7.96
CA GLN D 81 -21.77 32.92 -7.56
C GLN D 81 -23.18 32.68 -8.07
N ARG D 82 -24.17 33.13 -7.30
CA ARG D 82 -25.59 33.01 -7.65
C ARG D 82 -25.91 31.62 -8.22
N THR D 83 -25.80 30.62 -7.35
CA THR D 83 -25.96 29.21 -7.72
C THR D 83 -27.30 28.92 -8.39
N GLU D 84 -27.28 27.95 -9.30
CA GLU D 84 -28.48 27.49 -9.98
C GLU D 84 -28.55 25.99 -9.77
N GLN D 85 -29.73 25.40 -9.96
CA GLN D 85 -29.92 23.97 -9.73
C GLN D 85 -28.95 23.13 -10.55
N GLY D 86 -28.55 23.65 -11.71
CA GLY D 86 -27.60 22.97 -12.60
C GLY D 86 -26.20 22.84 -12.04
N ASP D 87 -25.91 23.59 -10.98
CA ASP D 87 -24.59 23.57 -10.33
C ASP D 87 -24.43 22.38 -9.39
N SER D 88 -25.54 21.71 -9.08
CA SER D 88 -25.54 20.54 -8.21
C SER D 88 -24.64 19.46 -8.80
N ALA D 89 -23.57 19.14 -8.08
CA ALA D 89 -22.57 18.18 -8.55
C ALA D 89 -21.52 17.90 -7.49
N MET D 90 -20.67 16.92 -7.77
CA MET D 90 -19.46 16.69 -7.01
C MET D 90 -18.36 17.57 -7.62
N TYR D 91 -17.69 18.35 -6.79
CA TYR D 91 -16.58 19.16 -7.28
C TYR D 91 -15.27 18.55 -6.82
N LEU D 92 -14.52 18.08 -7.81
CA LEU D 92 -13.29 17.32 -7.56
C LEU D 92 -12.04 18.16 -7.78
N CYS D 93 -11.07 17.98 -6.90
CA CYS D 93 -9.77 18.60 -7.03
C CYS D 93 -8.71 17.52 -7.18
N ALA D 94 -7.73 17.76 -8.03
CA ALA D 94 -6.61 16.85 -8.17
C ALA D 94 -5.32 17.66 -8.18
N SER D 95 -4.23 17.00 -7.79
CA SER D 95 -2.91 17.60 -7.96
C SER D 95 -1.94 16.60 -8.58
N SER D 96 -0.90 17.15 -9.21
CA SER D 96 0.11 16.36 -9.88
C SER D 96 1.50 16.87 -9.58
N SER D 97 2.46 15.96 -9.60
CA SER D 97 3.86 16.29 -9.38
C SER D 97 4.50 16.69 -10.70
N TRP D 98 5.58 17.47 -10.60
CA TRP D 98 6.27 18.01 -11.76
C TRP D 98 6.87 16.96 -12.66
N ASP D 99 7.20 15.81 -12.08
CA ASP D 99 7.95 14.76 -12.77
C ASP D 99 7.10 13.71 -13.48
N THR D 100 6.08 13.18 -12.79
CA THR D 100 5.24 12.12 -13.35
C THR D 100 3.88 12.63 -13.81
N GLY D 101 3.12 11.76 -14.47
CA GLY D 101 1.81 12.11 -15.02
C GLY D 101 0.63 11.96 -14.08
N GLU D 102 0.77 11.12 -13.06
CA GLU D 102 -0.35 10.76 -12.18
C GLU D 102 -1.05 11.95 -11.51
N LEU D 103 -2.36 12.02 -11.72
CA LEU D 103 -3.21 12.94 -10.97
C LEU D 103 -3.72 12.20 -9.73
N PHE D 104 -3.58 12.83 -8.57
CA PHE D 104 -4.13 12.33 -7.31
C PHE D 104 -5.35 13.17 -6.98
N PHE D 105 -6.49 12.52 -6.74
CA PHE D 105 -7.74 13.22 -6.47
C PHE D 105 -8.08 13.30 -4.99
N GLY D 106 -8.75 14.40 -4.62
CA GLY D 106 -9.35 14.53 -3.31
C GLY D 106 -10.65 13.76 -3.27
N GLU D 107 -11.36 13.83 -2.15
CA GLU D 107 -12.57 13.05 -1.97
C GLU D 107 -13.81 13.79 -2.50
N GLY D 108 -13.59 15.01 -2.97
CA GLY D 108 -14.66 15.82 -3.56
C GLY D 108 -15.41 16.67 -2.56
N SER D 109 -16.05 17.72 -3.10
CA SER D 109 -16.96 18.55 -2.34
C SER D 109 -18.31 18.47 -3.03
N ARG D 110 -19.30 17.92 -2.35
CA ARG D 110 -20.63 17.71 -2.95
C ARG D 110 -21.53 18.92 -2.71
N LEU D 111 -21.97 19.54 -3.79
CA LEU D 111 -22.86 20.69 -3.73
C LEU D 111 -24.29 20.28 -4.09
N THR D 112 -25.24 20.67 -3.24
CA THR D 112 -26.66 20.52 -3.56
C THR D 112 -27.34 21.88 -3.50
N VAL D 113 -27.85 22.33 -4.65
CA VAL D 113 -28.51 23.62 -4.74
C VAL D 113 -30.02 23.38 -4.69
N LEU D 114 -30.68 24.11 -3.79
CA LEU D 114 -32.11 23.91 -3.55
C LEU D 114 -32.91 25.16 -3.87
N GLU D 115 -34.12 24.98 -4.36
CA GLU D 115 -35.04 26.09 -4.57
C GLU D 115 -35.22 26.85 -3.25
N ASP D 116 -35.53 26.12 -2.19
CA ASP D 116 -35.61 26.69 -0.84
C ASP D 116 -35.30 25.63 0.21
N LEU D 117 -34.82 26.07 1.37
CA LEU D 117 -34.35 25.17 2.42
C LEU D 117 -35.45 24.54 3.29
N LYS D 118 -36.71 24.89 3.02
CA LYS D 118 -37.85 24.40 3.82
C LYS D 118 -37.99 22.89 3.84
N ASN D 119 -37.39 22.20 2.87
CA ASN D 119 -37.51 20.76 2.70
C ASN D 119 -36.39 19.94 3.32
N VAL D 120 -35.45 20.63 3.96
CA VAL D 120 -34.28 19.96 4.54
C VAL D 120 -34.69 19.30 5.86
N PHE D 121 -34.44 17.99 5.96
CA PHE D 121 -34.84 17.18 7.11
C PHE D 121 -33.71 16.24 7.55
N PRO D 122 -33.43 16.16 8.87
CA PRO D 122 -32.52 15.12 9.32
C PRO D 122 -33.21 13.74 9.30
N PRO D 123 -32.43 12.66 9.40
CA PRO D 123 -33.04 11.33 9.44
C PRO D 123 -33.54 10.97 10.83
N GLU D 124 -34.57 10.15 10.89
CA GLU D 124 -34.85 9.37 12.08
C GLU D 124 -34.17 8.03 11.89
N VAL D 125 -33.74 7.42 12.99
CA VAL D 125 -32.93 6.21 12.95
C VAL D 125 -33.49 5.19 13.94
N ALA D 126 -33.66 3.96 13.47
CA ALA D 126 -34.09 2.87 14.33
C ALA D 126 -33.27 1.61 14.03
N VAL D 127 -33.04 0.82 15.08
CA VAL D 127 -32.37 -0.48 14.94
C VAL D 127 -33.40 -1.57 15.18
N PHE D 128 -33.37 -2.58 14.34
CA PHE D 128 -34.28 -3.71 14.46
C PHE D 128 -33.46 -4.92 14.83
N GLU D 129 -33.86 -5.56 15.94
CA GLU D 129 -33.08 -6.62 16.53
C GLU D 129 -33.26 -7.94 15.77
N PRO D 130 -32.22 -8.81 15.79
CA PRO D 130 -32.25 -10.08 15.05
C PRO D 130 -33.47 -10.94 15.28
N SER D 131 -33.90 -11.63 14.22
CA SER D 131 -34.98 -12.59 14.28
C SER D 131 -34.51 -13.83 15.04
N GLU D 132 -35.30 -14.27 16.01
CA GLU D 132 -35.03 -15.51 16.73
C GLU D 132 -34.97 -16.72 15.81
N ALA D 133 -35.77 -16.67 14.73
CA ALA D 133 -35.81 -17.73 13.73
C ALA D 133 -34.52 -17.82 12.92
N GLU D 134 -33.92 -16.67 12.61
CA GLU D 134 -32.63 -16.61 11.94
C GLU D 134 -31.55 -17.22 12.83
N ILE D 135 -31.58 -16.85 14.12
CA ILE D 135 -30.65 -17.37 15.12
C ILE D 135 -30.74 -18.90 15.20
N SER D 136 -31.96 -19.43 15.29
CA SER D 136 -32.16 -20.89 15.33
C SER D 136 -31.68 -21.58 14.06
N HIS D 137 -32.03 -21.00 12.92
CA HIS D 137 -31.77 -21.60 11.62
C HIS D 137 -30.33 -21.52 11.14
N THR D 138 -29.64 -20.43 11.43
CA THR D 138 -28.34 -20.13 10.81
C THR D 138 -27.18 -19.97 11.80
N GLN D 139 -27.51 -19.84 13.08
CA GLN D 139 -26.55 -19.46 14.11
C GLN D 139 -25.85 -18.12 13.87
N LYS D 140 -26.49 -17.27 13.07
CA LYS D 140 -26.04 -15.90 12.84
C LYS D 140 -27.16 -14.92 13.19
N ALA D 141 -26.80 -13.66 13.46
CA ALA D 141 -27.77 -12.65 13.86
C ALA D 141 -27.58 -11.36 13.05
N THR D 142 -28.59 -11.00 12.26
CA THR D 142 -28.54 -9.79 11.46
C THR D 142 -29.34 -8.66 12.11
N LEU D 143 -28.64 -7.57 12.43
CA LEU D 143 -29.28 -6.33 12.87
C LEU D 143 -29.50 -5.47 11.65
N VAL D 144 -30.63 -4.76 11.62
CA VAL D 144 -30.91 -3.81 10.55
C VAL D 144 -31.08 -2.42 11.13
N CYS D 145 -30.41 -1.46 10.49
CA CYS D 145 -30.59 -0.07 10.80
C CYS D 145 -31.32 0.59 9.64
N LEU D 146 -32.30 1.41 9.97
CA LEU D 146 -33.06 2.15 8.98
C LEU D 146 -32.98 3.63 9.29
N ALA D 147 -32.46 4.40 8.35
CA ALA D 147 -32.47 5.86 8.42
C ALA D 147 -33.55 6.31 7.48
N THR D 148 -34.49 7.12 7.98
CA THR D 148 -35.65 7.47 7.19
C THR D 148 -36.01 8.96 7.28
N GLY D 149 -36.72 9.45 6.26
CA GLY D 149 -37.27 10.80 6.24
C GLY D 149 -36.26 11.93 6.10
N PHE D 150 -35.09 11.64 5.55
CA PHE D 150 -34.05 12.66 5.42
C PHE D 150 -33.99 13.30 4.05
N TYR D 151 -33.53 14.56 4.01
CA TYR D 151 -33.40 15.31 2.77
C TYR D 151 -32.45 16.49 2.97
N PRO D 152 -31.49 16.70 2.03
CA PRO D 152 -31.19 15.86 0.86
C PRO D 152 -30.51 14.55 1.25
N ASP D 153 -29.97 13.82 0.28
CA ASP D 153 -29.45 12.48 0.59
C ASP D 153 -27.98 12.41 1.04
N HIS D 154 -27.50 13.44 1.76
CA HIS D 154 -26.15 13.41 2.32
C HIS D 154 -26.10 12.69 3.65
N VAL D 155 -25.86 11.39 3.64
CA VAL D 155 -25.70 10.65 4.91
C VAL D 155 -24.52 9.66 4.89
N GLU D 156 -23.97 9.38 6.06
CA GLU D 156 -22.96 8.33 6.24
C GLU D 156 -23.33 7.52 7.46
N LEU D 157 -23.40 6.20 7.28
CA LEU D 157 -23.85 5.29 8.32
C LEU D 157 -22.73 4.38 8.81
N SER D 158 -22.61 4.23 10.12
CA SER D 158 -21.60 3.35 10.71
C SER D 158 -22.18 2.56 11.87
N TRP D 159 -21.55 1.42 12.16
CA TRP D 159 -21.95 0.57 13.26
C TRP D 159 -20.93 0.62 14.33
N TRP D 160 -21.37 0.58 15.59
CA TRP D 160 -20.48 0.65 16.73
C TRP D 160 -20.87 -0.41 17.70
N VAL D 161 -19.87 -1.15 18.18
CA VAL D 161 -20.10 -2.27 19.09
C VAL D 161 -19.24 -2.11 20.34
N ASN D 162 -19.86 -2.30 21.52
CA ASN D 162 -19.18 -2.17 22.80
C ASN D 162 -18.22 -0.97 22.81
N GLY D 163 -18.65 0.13 22.20
CA GLY D 163 -17.88 1.37 22.18
C GLY D 163 -16.95 1.61 21.00
N LYS D 164 -16.81 0.63 20.12
CA LYS D 164 -15.90 0.77 18.97
C LYS D 164 -16.50 0.45 17.61
N GLU D 165 -16.03 1.15 16.58
CA GLU D 165 -16.54 0.98 15.24
C GLU D 165 -16.14 -0.38 14.64
N VAL D 166 -17.12 -1.06 14.05
CA VAL D 166 -16.88 -2.32 13.36
C VAL D 166 -17.16 -2.18 11.86
N HIS D 167 -16.39 -2.90 11.06
CA HIS D 167 -16.53 -2.84 9.59
C HIS D 167 -16.86 -4.19 9.01
N SER D 168 -16.39 -5.23 9.67
CA SER D 168 -16.69 -6.61 9.28
C SER D 168 -18.13 -6.97 9.60
N GLY D 169 -18.78 -7.67 8.67
CA GLY D 169 -20.17 -8.08 8.84
C GLY D 169 -21.18 -6.99 8.50
N VAL D 170 -20.71 -5.91 7.89
CA VAL D 170 -21.55 -4.74 7.56
C VAL D 170 -21.85 -4.63 6.07
N CYS D 171 -23.12 -4.47 5.72
CA CYS D 171 -23.51 -4.09 4.36
C CYS D 171 -24.52 -2.95 4.37
N THR D 172 -24.15 -1.85 3.72
CA THR D 172 -24.98 -0.66 3.65
C THR D 172 -25.38 -0.41 2.19
N ASP D 173 -26.65 -0.09 1.97
CA ASP D 173 -27.16 0.24 0.63
C ASP D 173 -26.26 1.26 -0.06
N PRO D 174 -25.90 1.01 -1.33
CA PRO D 174 -25.07 1.97 -2.07
C PRO D 174 -25.79 3.31 -2.25
N GLN D 175 -27.10 3.24 -2.53
CA GLN D 175 -27.93 4.42 -2.77
C GLN D 175 -29.14 4.44 -1.84
N PRO D 176 -29.52 5.64 -1.34
CA PRO D 176 -30.77 5.74 -0.60
C PRO D 176 -31.95 5.57 -1.56
N LEU D 177 -33.12 5.21 -1.02
CA LEU D 177 -34.32 5.16 -1.85
C LEU D 177 -35.28 6.31 -1.50
N LYS D 178 -36.12 6.70 -2.46
CA LYS D 178 -37.12 7.73 -2.25
C LYS D 178 -38.32 7.19 -1.50
N GLU D 179 -38.80 7.95 -0.52
CA GLU D 179 -40.00 7.57 0.23
C GLU D 179 -41.28 7.88 -0.56
N GLN D 180 -41.16 8.80 -1.51
CA GLN D 180 -42.24 9.16 -2.43
C GLN D 180 -41.68 9.31 -3.84
N PRO D 181 -41.50 8.20 -4.57
CA PRO D 181 -40.86 8.20 -5.90
C PRO D 181 -41.43 9.21 -6.92
N ALA D 182 -42.69 9.61 -6.76
CA ALA D 182 -43.30 10.56 -7.69
C ALA D 182 -43.03 12.03 -7.36
N LEU D 183 -42.42 12.27 -6.20
CA LEU D 183 -42.11 13.64 -5.78
C LEU D 183 -40.69 14.05 -6.12
N ASN D 184 -40.57 15.23 -6.75
CA ASN D 184 -39.28 15.83 -7.10
C ASN D 184 -38.39 16.13 -5.89
N ASP D 185 -39.00 16.41 -4.74
CA ASP D 185 -38.24 16.67 -3.52
C ASP D 185 -38.50 15.63 -2.41
N SER D 186 -38.82 14.42 -2.83
CA SER D 186 -39.05 13.29 -1.93
C SER D 186 -37.94 13.13 -0.91
N ARG D 187 -38.31 12.82 0.32
CA ARG D 187 -37.34 12.44 1.33
C ARG D 187 -36.81 11.04 1.06
N TYR D 188 -35.71 10.70 1.72
CA TYR D 188 -34.99 9.47 1.44
C TYR D 188 -34.91 8.52 2.64
N ALA D 189 -34.66 7.26 2.35
CA ALA D 189 -34.38 6.26 3.37
C ALA D 189 -33.15 5.45 2.97
N LEU D 190 -32.47 4.91 3.97
CA LEU D 190 -31.27 4.10 3.75
C LEU D 190 -31.25 2.97 4.76
N SER D 191 -30.95 1.75 4.32
CA SER D 191 -30.84 0.61 5.23
C SER D 191 -29.42 0.06 5.32
N SER D 192 -29.11 -0.58 6.44
CA SER D 192 -27.82 -1.23 6.63
C SER D 192 -28.00 -2.47 7.49
N ARG D 193 -27.15 -3.48 7.26
CA ARG D 193 -27.14 -4.68 8.05
C ARG D 193 -25.82 -4.86 8.79
N LEU D 194 -25.89 -5.33 10.02
CA LEU D 194 -24.73 -5.86 10.73
C LEU D 194 -25.03 -7.29 11.09
N ARG D 195 -24.26 -8.21 10.53
CA ARG D 195 -24.44 -9.62 10.82
C ARG D 195 -23.35 -10.13 11.75
N VAL D 196 -23.75 -10.75 12.86
CA VAL D 196 -22.84 -11.31 13.85
C VAL D 196 -23.22 -12.75 14.15
N SER D 197 -22.36 -13.46 14.88
CA SER D 197 -22.66 -14.82 15.33
C SER D 197 -23.76 -14.75 16.39
N ALA D 198 -24.53 -15.83 16.51
CA ALA D 198 -25.57 -15.93 17.53
C ALA D 198 -25.01 -15.70 18.94
N THR D 199 -23.85 -16.28 19.24
CA THR D 199 -23.22 -16.13 20.56
C THR D 199 -22.95 -14.67 20.93
N PHE D 200 -22.44 -13.90 19.96
CA PHE D 200 -22.11 -12.49 20.18
C PHE D 200 -23.35 -11.60 20.37
N TRP D 201 -24.47 -12.00 19.79
CA TRP D 201 -25.73 -11.30 19.98
C TRP D 201 -26.37 -11.65 21.30
N GLN D 202 -26.26 -12.92 21.69
CA GLN D 202 -26.98 -13.43 22.85
C GLN D 202 -26.33 -13.08 24.19
N ASN D 203 -25.20 -12.40 24.12
CA ASN D 203 -24.51 -11.85 25.29
C ASN D 203 -25.13 -10.51 25.67
N PRO D 204 -25.80 -10.43 26.83
CA PRO D 204 -26.48 -9.21 27.27
C PRO D 204 -25.53 -8.02 27.44
N ARG D 205 -24.29 -8.30 27.84
CA ARG D 205 -23.26 -7.28 28.02
C ARG D 205 -22.93 -6.54 26.71
N ASN D 206 -23.19 -7.19 25.57
CA ASN D 206 -22.91 -6.59 24.26
C ASN D 206 -23.90 -5.51 23.82
N HIS D 207 -23.35 -4.38 23.37
CA HIS D 207 -24.13 -3.18 23.02
C HIS D 207 -23.86 -2.74 21.62
N PHE D 208 -24.94 -2.45 20.88
CA PHE D 208 -24.85 -2.11 19.46
C PHE D 208 -25.45 -0.73 19.19
N ARG D 209 -24.80 0.04 18.32
CA ARG D 209 -25.28 1.37 17.96
C ARG D 209 -25.09 1.66 16.47
N CYS D 210 -26.18 2.03 15.81
CA CYS D 210 -26.14 2.50 14.44
C CYS D 210 -26.01 4.01 14.44
N GLN D 211 -25.01 4.53 13.73
CA GLN D 211 -24.74 5.95 13.72
C GLN D 211 -24.93 6.55 12.33
N VAL D 212 -25.80 7.54 12.22
CA VAL D 212 -25.99 8.22 10.96
C VAL D 212 -25.55 9.68 11.05
N GLN D 213 -24.52 10.00 10.27
CA GLN D 213 -24.05 11.37 10.11
C GLN D 213 -24.86 11.97 8.96
N PHE D 214 -25.53 13.07 9.27
CA PHE D 214 -26.31 13.81 8.29
C PHE D 214 -25.58 15.11 8.03
N TYR D 215 -25.46 15.48 6.76
CA TYR D 215 -24.88 16.77 6.39
C TYR D 215 -26.03 17.66 5.95
N GLY D 216 -26.30 18.67 6.76
CA GLY D 216 -27.43 19.55 6.51
C GLY D 216 -27.00 21.00 6.43
N LEU D 217 -27.71 21.85 7.17
CA LEU D 217 -27.47 23.28 7.13
C LEU D 217 -26.23 23.68 7.92
N SER D 218 -25.67 24.82 7.53
CA SER D 218 -24.55 25.42 8.24
C SER D 218 -25.13 26.27 9.37
N GLU D 219 -24.34 26.52 10.40
CA GLU D 219 -24.83 27.27 11.56
C GLU D 219 -25.21 28.72 11.23
N ASN D 220 -24.58 29.29 10.20
CA ASN D 220 -24.94 30.63 9.72
C ASN D 220 -26.01 30.67 8.63
N ASP D 221 -26.55 29.50 8.27
CA ASP D 221 -27.73 29.43 7.40
C ASP D 221 -28.93 30.02 8.13
N GLU D 222 -29.81 30.68 7.38
CA GLU D 222 -31.02 31.28 7.94
C GLU D 222 -32.08 30.21 8.24
N TRP D 223 -32.82 30.38 9.34
CA TRP D 223 -33.87 29.43 9.70
C TRP D 223 -35.07 30.06 10.38
N THR D 224 -36.23 29.90 9.75
CA THR D 224 -37.47 30.56 10.19
C THR D 224 -38.59 29.60 10.60
N GLN D 225 -38.31 28.30 10.58
CA GLN D 225 -39.34 27.29 10.83
C GLN D 225 -39.49 26.93 12.30
N ASP D 226 -40.58 26.24 12.63
CA ASP D 226 -40.86 25.78 13.99
C ASP D 226 -39.90 24.69 14.48
N ARG D 227 -39.78 23.62 13.71
CA ARG D 227 -38.87 22.51 14.03
C ARG D 227 -37.43 23.00 14.11
N ALA D 228 -36.59 22.27 14.83
CA ALA D 228 -35.18 22.62 14.98
C ALA D 228 -34.51 22.76 13.61
N LYS D 229 -33.52 23.66 13.54
CA LYS D 229 -32.72 23.86 12.34
C LYS D 229 -32.08 22.52 11.94
N PRO D 230 -32.33 22.04 10.71
CA PRO D 230 -31.75 20.77 10.27
C PRO D 230 -30.26 20.89 9.93
N VAL D 231 -29.45 21.14 10.95
CA VAL D 231 -28.01 21.29 10.80
C VAL D 231 -27.34 19.92 10.62
N THR D 232 -26.13 19.95 10.09
CA THR D 232 -25.22 18.81 10.16
C THR D 232 -25.19 18.28 11.59
N GLN D 233 -25.41 16.97 11.73
CA GLN D 233 -25.58 16.33 13.04
C GLN D 233 -25.52 14.81 12.93
N ILE D 234 -25.46 14.15 14.08
CA ILE D 234 -25.47 12.69 14.15
C ILE D 234 -26.73 12.20 14.84
N VAL D 235 -27.41 11.24 14.23
CA VAL D 235 -28.58 10.60 14.82
C VAL D 235 -28.25 9.12 14.99
N SER D 236 -28.46 8.59 16.20
CA SER D 236 -28.15 7.20 16.51
C SER D 236 -29.35 6.42 17.03
N ALA D 237 -29.26 5.10 16.91
CA ALA D 237 -30.18 4.19 17.60
C ALA D 237 -29.39 3.01 18.15
N GLU D 238 -29.93 2.35 19.17
CA GLU D 238 -29.16 1.34 19.90
C GLU D 238 -29.93 0.05 20.20
N ALA D 239 -29.18 -1.02 20.41
CA ALA D 239 -29.74 -2.29 20.85
C ALA D 239 -28.77 -2.97 21.81
N TRP D 240 -29.34 -3.66 22.80
CA TRP D 240 -28.58 -4.49 23.71
C TRP D 240 -28.78 -5.93 23.34
N GLY D 241 -27.73 -6.72 23.47
CA GLY D 241 -27.85 -8.16 23.27
C GLY D 241 -28.71 -8.83 24.33
N ARG D 242 -29.34 -9.94 23.97
CA ARG D 242 -30.16 -10.70 24.92
C ARG D 242 -30.22 -12.20 24.58
N ALA D 243 -30.46 -13.02 25.59
CA ALA D 243 -30.63 -14.46 25.40
C ALA D 243 -32.06 -14.89 25.74
N ASP D 244 -32.82 -15.28 24.72
CA ASP D 244 -34.18 -15.77 24.90
C ASP D 244 -34.54 -16.85 23.87
#